data_2N2A
#
_entry.id   2N2A
#
_entity_poly.entity_id   1
_entity_poly.type   'polypeptide(L)'
_entity_poly.pdbx_seq_one_letter_code
;AEQRASPLTSIISAVVGILLVVVLGVVFGILIKRRQQKIRKYTMRRLLQETELVEPLG
;
_entity_poly.pdbx_strand_id   A,B
#
# COMPACT_ATOMS: atom_id res chain seq x y z
N ALA A 1 -14.09 -14.94 34.07
CA ALA A 1 -15.34 -14.45 33.52
C ALA A 1 -15.24 -14.22 32.03
N GLU A 2 -14.12 -13.64 31.59
CA GLU A 2 -13.90 -13.37 30.18
C GLU A 2 -13.05 -14.46 29.54
N GLN A 3 -13.14 -14.58 28.21
CA GLN A 3 -12.38 -15.59 27.49
C GLN A 3 -10.88 -15.34 27.60
N ARG A 4 -10.42 -14.26 26.97
CA ARG A 4 -9.01 -13.90 27.00
C ARG A 4 -8.78 -12.67 27.87
N ALA A 5 -9.18 -11.51 27.38
CA ALA A 5 -9.02 -10.27 28.11
C ALA A 5 -7.55 -9.83 28.16
N SER A 6 -6.81 -10.18 27.11
CA SER A 6 -5.40 -9.83 27.02
C SER A 6 -5.21 -8.48 26.36
N PRO A 7 -4.75 -7.49 27.15
CA PRO A 7 -4.51 -6.13 26.66
C PRO A 7 -3.33 -6.05 25.69
N LEU A 8 -2.22 -6.69 26.07
CA LEU A 8 -1.02 -6.68 25.24
C LEU A 8 -1.31 -7.31 23.88
N THR A 9 -1.83 -8.54 23.90
CA THR A 9 -2.15 -9.23 22.66
C THR A 9 -3.04 -8.39 21.75
N SER A 10 -3.88 -7.56 22.36
CA SER A 10 -4.78 -6.70 21.61
C SER A 10 -4.02 -5.55 20.95
N ILE A 11 -2.98 -5.08 21.63
CA ILE A 11 -2.16 -3.99 21.11
C ILE A 11 -1.22 -4.48 20.02
N ILE A 12 -0.65 -5.66 20.22
CA ILE A 12 0.27 -6.24 19.26
C ILE A 12 -0.40 -6.45 17.91
N SER A 13 -1.65 -6.92 17.94
CA SER A 13 -2.40 -7.15 16.71
C SER A 13 -2.76 -5.84 16.03
N ALA A 14 -3.06 -4.82 16.84
CA ALA A 14 -3.41 -3.51 16.32
C ALA A 14 -2.21 -2.81 15.71
N VAL A 15 -1.07 -2.89 16.40
CA VAL A 15 0.17 -2.27 15.94
C VAL A 15 0.58 -2.83 14.59
N VAL A 16 0.71 -4.14 14.52
CA VAL A 16 1.10 -4.81 13.27
C VAL A 16 0.23 -4.36 12.11
N GLY A 17 -1.08 -4.49 12.27
CA GLY A 17 -2.00 -4.10 11.22
C GLY A 17 -1.63 -2.76 10.61
N ILE A 18 -1.50 -1.74 11.47
CA ILE A 18 -1.16 -0.39 11.01
C ILE A 18 0.25 -0.35 10.47
N LEU A 19 1.14 -1.15 11.06
CA LEU A 19 2.53 -1.19 10.63
C LEU A 19 2.64 -1.60 9.17
N LEU A 20 1.99 -2.69 8.81
CA LEU A 20 2.01 -3.19 7.44
C LEU A 20 1.43 -2.15 6.48
N VAL A 21 0.36 -1.51 6.89
CA VAL A 21 -0.29 -0.50 6.07
C VAL A 21 0.59 0.74 5.92
N VAL A 22 1.44 0.97 6.92
CA VAL A 22 2.35 2.11 6.90
C VAL A 22 3.50 1.88 5.94
N VAL A 23 4.22 0.78 6.13
CA VAL A 23 5.34 0.44 5.27
C VAL A 23 4.97 0.56 3.80
N LEU A 24 3.84 -0.04 3.43
CA LEU A 24 3.37 0.00 2.05
C LEU A 24 3.17 1.44 1.58
N GLY A 25 2.44 2.21 2.36
CA GLY A 25 2.18 3.60 2.01
C GLY A 25 3.45 4.32 1.57
N VAL A 26 4.56 4.04 2.25
CA VAL A 26 5.83 4.66 1.94
C VAL A 26 6.37 4.17 0.60
N VAL A 27 6.20 2.87 0.34
CA VAL A 27 6.67 2.27 -0.90
C VAL A 27 5.86 2.77 -2.10
N PHE A 28 4.54 2.85 -1.92
CA PHE A 28 3.66 3.31 -2.99
C PHE A 28 3.96 4.77 -3.34
N GLY A 29 4.07 5.61 -2.32
CA GLY A 29 4.34 7.02 -2.56
C GLY A 29 5.65 7.24 -3.30
N ILE A 30 6.68 6.47 -2.93
CA ILE A 30 7.98 6.58 -3.56
C ILE A 30 7.89 6.30 -5.06
N LEU A 31 7.33 5.14 -5.41
CA LEU A 31 7.19 4.76 -6.81
C LEU A 31 6.55 5.88 -7.62
N ILE A 32 5.39 6.36 -7.16
CA ILE A 32 4.68 7.43 -7.84
C ILE A 32 5.61 8.59 -8.15
N LYS A 33 6.26 9.13 -7.11
CA LYS A 33 7.18 10.25 -7.28
C LYS A 33 8.34 9.86 -8.19
N ARG A 34 8.61 8.57 -8.27
CA ARG A 34 9.70 8.07 -9.10
C ARG A 34 9.27 7.96 -10.56
N ARG A 35 7.96 7.97 -10.78
CA ARG A 35 7.41 7.86 -12.13
C ARG A 35 7.13 9.25 -12.70
N GLN A 36 6.63 10.15 -11.86
CA GLN A 36 6.32 11.51 -12.28
C GLN A 36 7.55 12.20 -12.84
N GLN A 37 8.73 11.73 -12.44
CA GLN A 37 9.99 12.30 -12.90
C GLN A 37 10.57 11.50 -14.06
N LYS A 38 9.68 10.86 -14.83
CA LYS A 38 10.10 10.05 -15.96
C LYS A 38 10.37 10.94 -17.18
N ILE A 39 11.26 10.48 -18.05
CA ILE A 39 11.61 11.22 -19.25
C ILE A 39 10.41 11.37 -20.18
N ARG A 40 9.39 10.54 -19.95
CA ARG A 40 8.18 10.58 -20.76
C ARG A 40 7.16 11.54 -20.16
N LYS A 41 7.64 12.52 -19.40
CA LYS A 41 6.77 13.50 -18.78
C LYS A 41 5.83 14.13 -19.81
N TYR A 42 6.32 14.27 -21.04
CA TYR A 42 5.53 14.86 -22.11
C TYR A 42 4.17 14.19 -22.21
N THR A 43 4.14 12.87 -22.02
CA THR A 43 2.91 12.11 -22.09
C THR A 43 1.83 12.72 -21.21
N MET A 44 2.17 12.95 -19.94
CA MET A 44 1.23 13.53 -18.99
C MET A 44 0.77 14.91 -19.46
N ARG A 45 1.73 15.73 -19.87
CA ARG A 45 1.42 17.08 -20.34
C ARG A 45 0.35 17.05 -21.42
N ARG A 46 0.44 16.07 -22.31
CA ARG A 46 -0.53 15.93 -23.40
C ARG A 46 -1.80 15.23 -22.90
N LEU A 47 -1.66 14.46 -21.82
CA LEU A 47 -2.79 13.74 -21.26
C LEU A 47 -3.80 14.69 -20.64
N LEU A 48 -3.32 15.86 -20.21
CA LEU A 48 -4.18 16.87 -19.60
C LEU A 48 -5.30 17.27 -20.56
N GLN A 49 -5.08 17.07 -21.85
CA GLN A 49 -6.06 17.42 -22.86
C GLN A 49 -7.13 16.33 -22.96
N GLU A 50 -6.84 15.16 -22.42
CA GLU A 50 -7.78 14.05 -22.46
C GLU A 50 -9.03 14.37 -21.64
N THR A 51 -8.85 15.15 -20.58
CA THR A 51 -9.95 15.53 -19.71
C THR A 51 -11.12 16.09 -20.52
N GLU A 52 -10.79 16.72 -21.65
CA GLU A 52 -11.82 17.31 -22.51
C GLU A 52 -12.88 16.27 -22.89
N LEU A 53 -12.47 15.00 -22.90
CA LEU A 53 -13.38 13.91 -23.24
C LEU A 53 -14.38 13.67 -22.11
N VAL A 54 -13.95 13.93 -20.88
CA VAL A 54 -14.82 13.73 -19.72
C VAL A 54 -15.14 15.06 -19.06
N GLU A 55 -15.06 16.14 -19.83
CA GLU A 55 -15.36 17.47 -19.32
C GLU A 55 -16.43 18.15 -20.16
N PRO A 56 -17.66 17.64 -20.07
CA PRO A 56 -18.81 18.18 -20.81
C PRO A 56 -19.23 19.56 -20.30
N LEU A 57 -20.12 20.21 -21.04
CA LEU A 57 -20.61 21.53 -20.65
C LEU A 57 -21.97 21.43 -19.96
N GLY A 58 -22.25 22.37 -19.07
CA GLY A 58 -23.51 22.37 -18.35
C GLY A 58 -24.71 22.33 -19.29
N ALA B 1 12.04 -16.60 37.87
CA ALA B 1 12.67 -15.32 38.12
C ALA B 1 11.94 -14.19 37.40
N GLU B 2 12.56 -13.02 37.36
CA GLU B 2 11.97 -11.86 36.70
C GLU B 2 11.95 -12.05 35.18
N GLN B 3 12.88 -12.86 34.68
CA GLN B 3 12.98 -13.12 33.25
C GLN B 3 11.61 -13.47 32.67
N ARG B 4 11.15 -12.65 31.72
CA ARG B 4 9.86 -12.86 31.09
C ARG B 4 9.71 -14.31 30.63
N ALA B 5 10.35 -14.65 29.51
CA ALA B 5 10.28 -15.99 28.97
C ALA B 5 8.94 -16.27 28.31
N SER B 6 8.40 -15.26 27.64
CA SER B 6 7.10 -15.39 26.96
C SER B 6 7.27 -16.00 25.59
N PRO B 7 6.76 -17.23 25.42
CA PRO B 7 6.84 -17.96 24.14
C PRO B 7 5.96 -17.33 23.07
N LEU B 8 4.72 -17.04 23.43
CA LEU B 8 3.77 -16.44 22.49
C LEU B 8 4.30 -15.10 21.96
N THR B 9 4.64 -14.21 22.87
CA THR B 9 5.16 -12.90 22.50
C THR B 9 6.35 -13.03 21.56
N SER B 10 7.12 -14.09 21.72
CA SER B 10 8.29 -14.33 20.88
C SER B 10 7.86 -14.76 19.48
N ILE B 11 6.77 -15.49 19.39
CA ILE B 11 6.25 -15.96 18.11
C ILE B 11 5.55 -14.84 17.35
N ILE B 12 4.79 -14.03 18.08
CA ILE B 12 4.07 -12.91 17.48
C ILE B 12 5.04 -11.95 16.79
N SER B 13 6.17 -11.69 17.43
CA SER B 13 7.18 -10.78 16.89
C SER B 13 7.85 -11.39 15.65
N ALA B 14 8.07 -12.70 15.70
CA ALA B 14 8.70 -13.40 14.59
C ALA B 14 7.77 -13.49 13.39
N VAL B 15 6.50 -13.81 13.66
CA VAL B 15 5.50 -13.93 12.60
C VAL B 15 5.37 -12.62 11.83
N VAL B 16 5.11 -11.54 12.55
CA VAL B 16 4.94 -10.23 11.93
C VAL B 16 6.13 -9.91 11.03
N GLY B 17 7.32 -9.97 11.58
CA GLY B 17 8.52 -9.68 10.81
C GLY B 17 8.49 -10.33 9.43
N ILE B 18 8.28 -11.63 9.39
CA ILE B 18 8.21 -12.37 8.13
C ILE B 18 6.99 -11.97 7.32
N LEU B 19 5.90 -11.66 8.02
CA LEU B 19 4.66 -11.26 7.37
C LEU B 19 4.87 -10.02 6.51
N LEU B 20 5.46 -8.99 7.11
CA LEU B 20 5.73 -7.74 6.40
C LEU B 20 6.64 -7.98 5.19
N VAL B 21 7.65 -8.81 5.38
CA VAL B 21 8.59 -9.12 4.31
C VAL B 21 7.93 -9.94 3.22
N VAL B 22 6.89 -10.69 3.59
CA VAL B 22 6.16 -11.51 2.64
C VAL B 22 5.22 -10.68 1.78
N VAL B 23 4.36 -9.89 2.44
CA VAL B 23 3.42 -9.04 1.74
C VAL B 23 4.11 -8.22 0.67
N LEU B 24 5.22 -7.58 1.03
CA LEU B 24 5.98 -6.76 0.10
C LEU B 24 6.53 -7.61 -1.04
N GLY B 25 7.23 -8.68 -0.69
CA GLY B 25 7.80 -9.56 -1.70
C GLY B 25 6.83 -9.89 -2.81
N VAL B 26 5.56 -10.06 -2.45
CA VAL B 26 4.52 -10.38 -3.43
C VAL B 26 4.18 -9.16 -4.28
N VAL B 27 4.11 -8.00 -3.64
CA VAL B 27 3.79 -6.76 -4.34
C VAL B 27 4.91 -6.38 -5.31
N PHE B 28 6.15 -6.53 -4.86
CA PHE B 28 7.30 -6.20 -5.69
C PHE B 28 7.35 -7.07 -6.94
N GLY B 29 7.25 -8.38 -6.74
CA GLY B 29 7.29 -9.30 -7.87
C GLY B 29 6.13 -9.06 -8.84
N ILE B 30 4.97 -8.74 -8.31
CA ILE B 30 3.79 -8.49 -9.14
C ILE B 30 4.05 -7.35 -10.12
N LEU B 31 4.58 -6.24 -9.62
CA LEU B 31 4.87 -5.08 -10.46
C LEU B 31 5.87 -5.46 -11.56
N ILE B 32 6.93 -6.16 -11.18
CA ILE B 32 7.94 -6.58 -12.14
C ILE B 32 7.34 -7.41 -13.26
N LYS B 33 6.53 -8.40 -12.89
CA LYS B 33 5.87 -9.27 -13.86
C LYS B 33 5.03 -8.45 -14.83
N ARG B 34 4.25 -7.53 -14.29
CA ARG B 34 3.38 -6.69 -15.11
C ARG B 34 4.20 -5.64 -15.87
N ARG B 35 5.49 -5.58 -15.58
CA ARG B 35 6.38 -4.64 -16.22
C ARG B 35 7.16 -5.31 -17.36
N GLN B 36 7.58 -6.54 -17.13
CA GLN B 36 8.33 -7.29 -18.14
C GLN B 36 7.53 -7.43 -19.43
N GLN B 37 7.81 -6.56 -20.40
CA GLN B 37 7.11 -6.58 -21.68
C GLN B 37 5.61 -6.55 -21.47
N LYS B 38 5.14 -5.60 -20.68
CA LYS B 38 3.71 -5.45 -20.40
C LYS B 38 3.36 -4.01 -20.07
N ILE B 39 3.03 -3.23 -21.10
CA ILE B 39 2.68 -1.83 -20.91
C ILE B 39 1.20 -1.67 -20.53
N ARG B 40 0.95 -1.49 -19.25
CA ARG B 40 -0.41 -1.33 -18.75
C ARG B 40 -0.80 0.15 -18.69
N LYS B 41 0.19 1.02 -18.85
CA LYS B 41 -0.05 2.46 -18.81
C LYS B 41 -0.73 2.87 -17.51
N TYR B 42 -0.41 2.14 -16.43
CA TYR B 42 -0.99 2.44 -15.12
C TYR B 42 -0.82 3.91 -14.78
N THR B 43 0.26 4.52 -15.26
CA THR B 43 0.53 5.93 -15.00
C THR B 43 -0.68 6.80 -15.35
N MET B 44 -1.15 6.67 -16.58
CA MET B 44 -2.31 7.43 -17.04
C MET B 44 -3.52 7.17 -16.16
N ARG B 45 -3.79 5.90 -15.90
CA ARG B 45 -4.93 5.51 -15.07
C ARG B 45 -4.92 6.25 -13.74
N ARG B 46 -3.73 6.39 -13.17
CA ARG B 46 -3.57 7.08 -11.89
C ARG B 46 -3.54 8.59 -12.09
N LEU B 47 -3.17 9.01 -13.30
CA LEU B 47 -3.10 10.44 -13.61
C LEU B 47 -4.49 11.07 -13.65
N LEU B 48 -5.50 10.24 -13.94
CA LEU B 48 -6.87 10.71 -14.00
C LEU B 48 -7.30 11.32 -12.67
N GLN B 49 -6.61 10.94 -11.60
CA GLN B 49 -6.91 11.45 -10.27
C GLN B 49 -6.29 12.82 -10.06
N GLU B 50 -5.33 13.17 -10.91
CA GLU B 50 -4.65 14.46 -10.82
C GLU B 50 -5.62 15.60 -11.10
N THR B 51 -6.60 15.35 -11.94
CA THR B 51 -7.60 16.36 -12.30
C THR B 51 -8.21 16.97 -11.05
N GLU B 52 -8.27 16.20 -9.97
CA GLU B 52 -8.84 16.68 -8.72
C GLU B 52 -8.15 17.96 -8.27
N LEU B 53 -6.89 18.12 -8.66
CA LEU B 53 -6.12 19.30 -8.30
C LEU B 53 -6.61 20.53 -9.07
N VAL B 54 -7.10 20.31 -10.28
CA VAL B 54 -7.60 21.39 -11.12
C VAL B 54 -9.10 21.28 -11.32
N GLU B 55 -9.77 20.60 -10.39
CA GLU B 55 -11.22 20.42 -10.47
C GLU B 55 -11.88 20.79 -9.16
N PRO B 56 -11.86 22.09 -8.82
CA PRO B 56 -12.46 22.59 -7.58
C PRO B 56 -13.98 22.53 -7.60
N LEU B 57 -14.60 22.79 -6.45
CA LEU B 57 -16.05 22.76 -6.34
C LEU B 57 -16.64 24.17 -6.46
N GLY B 58 -15.95 25.14 -5.86
CA GLY B 58 -16.42 26.51 -5.91
C GLY B 58 -16.05 27.29 -4.67
N ALA A 1 -15.48 -16.46 32.05
CA ALA A 1 -16.58 -17.09 31.35
C ALA A 1 -16.12 -17.70 30.03
N GLU A 2 -15.19 -17.02 29.36
CA GLU A 2 -14.66 -17.49 28.09
C GLU A 2 -13.19 -17.11 27.93
N GLN A 3 -12.60 -17.48 26.80
CA GLN A 3 -11.20 -17.18 26.52
C GLN A 3 -11.07 -16.27 25.31
N ARG A 4 -12.20 -15.77 24.82
CA ARG A 4 -12.21 -14.89 23.66
C ARG A 4 -12.22 -13.43 24.09
N ALA A 5 -11.35 -13.10 25.05
CA ALA A 5 -11.25 -11.72 25.54
C ALA A 5 -9.80 -11.36 25.85
N SER A 6 -8.88 -11.85 25.01
CA SER A 6 -7.46 -11.57 25.19
C SER A 6 -7.12 -10.15 24.73
N PRO A 7 -6.71 -9.31 25.70
CA PRO A 7 -6.34 -7.91 25.43
C PRO A 7 -5.05 -7.80 24.63
N LEU A 8 -4.04 -8.57 25.03
CA LEU A 8 -2.76 -8.56 24.35
C LEU A 8 -2.89 -8.99 22.90
N THR A 9 -3.48 -10.16 22.68
CA THR A 9 -3.68 -10.70 21.35
C THR A 9 -4.38 -9.68 20.45
N SER A 10 -5.27 -8.88 21.05
CA SER A 10 -6.01 -7.87 20.31
C SER A 10 -5.10 -6.72 19.88
N ILE A 11 -4.12 -6.42 20.72
CA ILE A 11 -3.17 -5.34 20.44
C ILE A 11 -2.17 -5.76 19.39
N ILE A 12 -1.74 -7.02 19.45
CA ILE A 12 -0.78 -7.55 18.49
C ILE A 12 -1.31 -7.48 17.07
N SER A 13 -2.46 -8.10 16.84
CA SER A 13 -3.08 -8.10 15.52
C SER A 13 -3.33 -6.68 15.04
N ALA A 14 -3.63 -5.78 15.98
CA ALA A 14 -3.89 -4.38 15.65
C ALA A 14 -2.61 -3.66 15.25
N VAL A 15 -1.52 -3.94 15.98
CA VAL A 15 -0.23 -3.32 15.69
C VAL A 15 0.29 -3.73 14.33
N VAL A 16 0.40 -5.04 14.11
CA VAL A 16 0.89 -5.57 12.84
C VAL A 16 0.16 -4.93 11.66
N GLY A 17 -1.18 -4.94 11.73
CA GLY A 17 -1.98 -4.37 10.67
C GLY A 17 -1.53 -2.96 10.30
N ILE A 18 -1.52 -2.08 11.29
CA ILE A 18 -1.10 -0.69 11.06
C ILE A 18 0.34 -0.62 10.57
N LEU A 19 1.22 -1.39 11.20
CA LEU A 19 2.62 -1.40 10.83
C LEU A 19 2.78 -1.68 9.33
N LEU A 20 2.15 -2.75 8.86
CA LEU A 20 2.21 -3.12 7.45
C LEU A 20 1.81 -1.96 6.56
N VAL A 21 0.75 -1.24 6.97
CA VAL A 21 0.27 -0.09 6.22
C VAL A 21 1.29 1.03 6.20
N VAL A 22 2.12 1.09 7.23
CA VAL A 22 3.14 2.12 7.35
C VAL A 22 4.32 1.83 6.41
N VAL A 23 4.90 0.65 6.56
CA VAL A 23 6.03 0.24 5.73
C VAL A 23 5.75 0.51 4.25
N LEU A 24 4.53 0.21 3.82
CA LEU A 24 4.14 0.41 2.43
C LEU A 24 4.14 1.90 2.08
N GLY A 25 3.45 2.70 2.90
CA GLY A 25 3.40 4.12 2.66
C GLY A 25 4.76 4.72 2.34
N VAL A 26 5.79 4.21 3.02
CA VAL A 26 7.15 4.70 2.81
C VAL A 26 7.71 4.20 1.48
N VAL A 27 7.39 2.96 1.13
CA VAL A 27 7.86 2.38 -0.11
C VAL A 27 7.20 3.03 -1.32
N PHE A 28 5.90 3.30 -1.20
CA PHE A 28 5.15 3.92 -2.28
C PHE A 28 5.66 5.32 -2.56
N GLY A 29 5.82 6.12 -1.50
CA GLY A 29 6.30 7.48 -1.66
C GLY A 29 7.69 7.53 -2.24
N ILE A 30 8.53 6.57 -1.86
CA ILE A 30 9.90 6.52 -2.35
C ILE A 30 9.94 6.35 -3.86
N LEU A 31 9.20 5.37 -4.36
CA LEU A 31 9.14 5.10 -5.79
C LEU A 31 8.70 6.34 -6.56
N ILE A 32 7.60 6.94 -6.14
CA ILE A 32 7.07 8.13 -6.77
C ILE A 32 8.14 9.21 -6.88
N LYS A 33 8.93 9.37 -5.81
CA LYS A 33 9.98 10.36 -5.79
C LYS A 33 11.04 10.07 -6.86
N ARG A 34 11.38 8.80 -7.01
CA ARG A 34 12.37 8.39 -8.00
C ARG A 34 11.79 8.41 -9.40
N ARG A 35 10.46 8.52 -9.48
CA ARG A 35 9.77 8.56 -10.76
C ARG A 35 9.58 10.00 -11.24
N GLN A 36 9.27 10.89 -10.31
CA GLN A 36 9.05 12.30 -10.64
C GLN A 36 10.28 12.87 -11.34
N GLN A 37 10.20 12.99 -12.66
CA GLN A 37 11.30 13.53 -13.45
C GLN A 37 10.87 14.79 -14.20
N LYS A 38 9.65 14.78 -14.73
CA LYS A 38 9.12 15.91 -15.47
C LYS A 38 7.60 15.98 -15.34
N ILE A 39 7.01 17.01 -15.92
CA ILE A 39 5.56 17.19 -15.88
C ILE A 39 4.83 15.92 -16.30
N ARG A 40 4.31 15.19 -15.33
CA ARG A 40 3.59 13.95 -15.60
C ARG A 40 2.16 14.02 -15.07
N LYS A 41 1.69 15.24 -14.81
CA LYS A 41 0.34 15.45 -14.29
C LYS A 41 -0.69 15.29 -15.40
N TYR A 42 -0.60 16.15 -16.41
CA TYR A 42 -1.53 16.11 -17.54
C TYR A 42 -1.56 14.71 -18.17
N THR A 43 -0.45 14.00 -18.04
CA THR A 43 -0.33 12.66 -18.60
C THR A 43 -1.51 11.78 -18.17
N MET A 44 -1.80 11.78 -16.87
CA MET A 44 -2.89 10.99 -16.34
C MET A 44 -4.23 11.72 -16.52
N ARG A 45 -4.23 13.01 -16.22
CA ARG A 45 -5.44 13.81 -16.35
C ARG A 45 -6.04 13.68 -17.75
N ARG A 46 -5.18 13.54 -18.75
CA ARG A 46 -5.63 13.40 -20.13
C ARG A 46 -6.19 12.00 -20.37
N LEU A 47 -5.76 11.04 -19.56
CA LEU A 47 -6.21 9.66 -19.69
C LEU A 47 -7.59 9.48 -19.05
N LEU A 48 -7.93 10.38 -18.13
CA LEU A 48 -9.22 10.32 -17.45
C LEU A 48 -10.38 10.37 -18.45
N GLN A 49 -10.10 10.92 -19.62
CA GLN A 49 -11.12 11.03 -20.66
C GLN A 49 -11.34 9.69 -21.35
N GLU A 50 -10.50 8.72 -21.04
CA GLU A 50 -10.60 7.39 -21.63
C GLU A 50 -11.66 6.55 -20.90
N THR A 51 -11.83 6.83 -19.61
CA THR A 51 -12.79 6.10 -18.80
C THR A 51 -14.17 6.10 -19.45
N GLU A 52 -14.45 7.15 -20.23
CA GLU A 52 -15.73 7.27 -20.92
C GLU A 52 -15.99 6.05 -21.79
N LEU A 53 -14.92 5.38 -22.21
CA LEU A 53 -15.03 4.20 -23.05
C LEU A 53 -15.53 3.01 -22.25
N VAL A 54 -15.34 3.06 -20.94
CA VAL A 54 -15.77 1.98 -20.06
C VAL A 54 -16.85 2.46 -19.09
N GLU A 55 -17.41 3.64 -19.38
CA GLU A 55 -18.45 4.20 -18.53
C GLU A 55 -19.81 4.14 -19.23
N PRO A 56 -20.89 4.27 -18.44
CA PRO A 56 -22.26 4.23 -18.95
C PRO A 56 -22.60 5.46 -19.78
N LEU A 57 -23.72 5.39 -20.49
CA LEU A 57 -24.16 6.50 -21.33
C LEU A 57 -25.14 7.38 -20.59
N GLY A 58 -24.97 8.70 -20.72
CA GLY A 58 -25.86 9.63 -20.05
C GLY A 58 -25.88 10.99 -20.72
N ALA B 1 15.99 -13.68 37.31
CA ALA B 1 17.44 -13.72 37.23
C ALA B 1 17.97 -12.67 36.26
N GLU B 2 17.20 -12.39 35.21
CA GLU B 2 17.61 -11.41 34.22
C GLU B 2 16.40 -10.94 33.41
N GLN B 3 16.59 -9.90 32.62
CA GLN B 3 15.53 -9.35 31.79
C GLN B 3 15.66 -9.81 30.34
N ARG B 4 14.77 -9.31 29.48
CA ARG B 4 14.80 -9.66 28.06
C ARG B 4 14.70 -11.18 27.89
N ALA B 5 13.69 -11.77 28.53
CA ALA B 5 13.48 -13.22 28.44
C ALA B 5 12.01 -13.53 28.14
N SER B 6 11.36 -12.64 27.42
CA SER B 6 9.95 -12.82 27.06
C SER B 6 9.81 -13.65 25.79
N PRO B 7 9.23 -14.85 25.93
CA PRO B 7 9.04 -15.77 24.80
C PRO B 7 7.97 -15.26 23.84
N LEU B 8 6.84 -14.80 24.39
CA LEU B 8 5.74 -14.30 23.58
C LEU B 8 6.18 -13.09 22.76
N THR B 9 6.72 -12.09 23.44
CA THR B 9 7.19 -10.87 22.76
C THR B 9 8.15 -11.21 21.63
N SER B 10 8.90 -12.29 21.80
CA SER B 10 9.87 -12.72 20.79
C SER B 10 9.16 -13.30 19.58
N ILE B 11 8.03 -13.96 19.81
CA ILE B 11 7.25 -14.56 18.73
C ILE B 11 6.49 -13.49 17.95
N ILE B 12 5.98 -12.49 18.66
CA ILE B 12 5.23 -11.40 18.03
C ILE B 12 6.10 -10.66 17.03
N SER B 13 7.21 -10.10 17.50
CA SER B 13 8.12 -9.36 16.64
C SER B 13 8.61 -10.22 15.48
N ALA B 14 8.68 -11.53 15.71
CA ALA B 14 9.13 -12.46 14.69
C ALA B 14 8.05 -12.68 13.65
N VAL B 15 6.81 -12.82 14.09
CA VAL B 15 5.68 -13.03 13.19
C VAL B 15 5.48 -11.82 12.27
N VAL B 16 5.28 -10.66 12.88
CA VAL B 16 5.07 -9.43 12.12
C VAL B 16 6.16 -9.25 11.06
N GLY B 17 7.41 -9.39 11.47
CA GLY B 17 8.52 -9.24 10.55
C GLY B 17 8.34 -10.06 9.28
N ILE B 18 8.17 -11.36 9.45
CA ILE B 18 7.98 -12.26 8.31
C ILE B 18 6.74 -11.88 7.51
N LEU B 19 5.64 -11.63 8.22
CA LEU B 19 4.39 -11.26 7.57
C LEU B 19 4.60 -10.09 6.61
N LEU B 20 5.23 -9.03 7.10
CA LEU B 20 5.49 -7.85 6.28
C LEU B 20 6.25 -8.23 5.01
N VAL B 21 7.23 -9.12 5.16
CA VAL B 21 8.02 -9.57 4.02
C VAL B 21 7.18 -10.36 3.03
N VAL B 22 6.12 -10.99 3.54
CA VAL B 22 5.23 -11.79 2.70
C VAL B 22 4.30 -10.90 1.89
N VAL B 23 3.58 -10.03 2.58
CA VAL B 23 2.65 -9.11 1.93
C VAL B 23 3.31 -8.41 0.75
N LEU B 24 4.55 -7.99 0.94
CA LEU B 24 5.30 -7.31 -0.10
C LEU B 24 5.57 -8.24 -1.28
N GLY B 25 6.13 -9.40 -1.00
CA GLY B 25 6.43 -10.37 -2.04
C GLY B 25 5.28 -10.54 -3.01
N VAL B 26 4.05 -10.50 -2.49
CA VAL B 26 2.87 -10.66 -3.32
C VAL B 26 2.59 -9.40 -4.14
N VAL B 27 2.81 -8.24 -3.52
CA VAL B 27 2.58 -6.97 -4.19
C VAL B 27 3.60 -6.75 -5.30
N PHE B 28 4.86 -7.10 -5.03
CA PHE B 28 5.93 -6.94 -6.00
C PHE B 28 5.70 -7.82 -7.21
N GLY B 29 5.39 -9.09 -6.96
CA GLY B 29 5.14 -10.02 -8.05
C GLY B 29 3.93 -9.65 -8.88
N ILE B 30 2.92 -9.08 -8.23
CA ILE B 30 1.71 -8.67 -8.93
C ILE B 30 1.99 -7.59 -9.95
N LEU B 31 2.67 -6.53 -9.52
CA LEU B 31 3.02 -5.43 -10.41
C LEU B 31 3.82 -5.92 -11.61
N ILE B 32 4.90 -6.63 -11.34
CA ILE B 32 5.75 -7.17 -12.39
C ILE B 32 4.92 -7.92 -13.43
N LYS B 33 3.98 -8.72 -12.96
CA LYS B 33 3.11 -9.50 -13.83
C LYS B 33 2.30 -8.58 -14.75
N ARG B 34 1.79 -7.49 -14.19
CA ARG B 34 1.00 -6.53 -14.95
C ARG B 34 1.90 -5.66 -15.83
N ARG B 35 3.20 -5.72 -15.57
CA ARG B 35 4.17 -4.94 -16.33
C ARG B 35 4.71 -5.73 -17.51
N GLN B 36 4.95 -7.03 -17.29
CA GLN B 36 5.47 -7.90 -18.33
C GLN B 36 4.62 -7.80 -19.59
N GLN B 37 5.13 -8.36 -20.69
CA GLN B 37 4.43 -8.34 -21.96
C GLN B 37 3.08 -9.04 -21.85
N LYS B 38 2.93 -9.88 -20.83
CA LYS B 38 1.70 -10.62 -20.61
C LYS B 38 0.49 -9.69 -20.62
N ILE B 39 0.30 -8.96 -19.53
CA ILE B 39 -0.81 -8.02 -19.42
C ILE B 39 -0.48 -6.69 -20.07
N ARG B 40 -1.17 -6.40 -21.18
CA ARG B 40 -0.94 -5.15 -21.90
C ARG B 40 -2.22 -4.31 -21.96
N LYS B 41 -3.14 -4.60 -21.05
CA LYS B 41 -4.40 -3.87 -20.99
C LYS B 41 -4.63 -3.27 -19.61
N TYR B 42 -3.56 -3.23 -18.82
CA TYR B 42 -3.63 -2.67 -17.46
C TYR B 42 -2.93 -1.33 -17.39
N THR B 43 -2.40 -0.88 -18.53
CA THR B 43 -1.69 0.39 -18.59
C THR B 43 -2.54 1.52 -18.00
N MET B 44 -3.75 1.69 -18.54
CA MET B 44 -4.66 2.73 -18.06
C MET B 44 -5.46 2.24 -16.87
N ARG B 45 -5.90 0.99 -16.94
CA ARG B 45 -6.69 0.40 -15.86
C ARG B 45 -5.98 0.55 -14.51
N ARG B 46 -4.65 0.45 -14.54
CA ARG B 46 -3.85 0.57 -13.33
C ARG B 46 -3.77 2.03 -12.87
N LEU B 47 -3.97 2.94 -13.81
CA LEU B 47 -3.92 4.37 -13.51
C LEU B 47 -5.23 4.84 -12.87
N LEU B 48 -6.29 4.08 -13.10
CA LEU B 48 -7.60 4.42 -12.55
C LEU B 48 -7.54 4.48 -11.02
N GLN B 49 -6.56 3.82 -10.44
CA GLN B 49 -6.40 3.80 -8.99
C GLN B 49 -5.78 5.10 -8.50
N GLU B 50 -5.33 5.93 -9.45
CA GLU B 50 -4.72 7.21 -9.11
C GLU B 50 -5.78 8.26 -8.81
N THR B 51 -6.93 8.13 -9.46
CA THR B 51 -8.03 9.07 -9.27
C THR B 51 -8.36 9.25 -7.79
N GLU B 52 -8.11 8.20 -7.00
CA GLU B 52 -8.36 8.24 -5.56
C GLU B 52 -7.64 9.41 -4.92
N LEU B 53 -6.54 9.83 -5.53
CA LEU B 53 -5.74 10.93 -5.00
C LEU B 53 -6.45 12.27 -5.25
N VAL B 54 -7.30 12.30 -6.27
CA VAL B 54 -8.04 13.52 -6.61
C VAL B 54 -9.54 13.31 -6.46
N GLU B 55 -9.90 12.31 -5.66
CA GLU B 55 -11.32 12.00 -5.43
C GLU B 55 -11.59 11.79 -3.94
N PRO B 56 -11.49 12.89 -3.16
CA PRO B 56 -11.72 12.85 -1.71
C PRO B 56 -13.18 12.62 -1.37
N LEU B 57 -13.46 12.38 -0.09
CA LEU B 57 -14.82 12.15 0.36
C LEU B 57 -15.50 13.46 0.73
N GLY B 58 -14.76 14.35 1.38
CA GLY B 58 -15.30 15.63 1.78
C GLY B 58 -14.23 16.64 2.13
N ALA A 1 -15.86 -15.29 32.95
CA ALA A 1 -17.23 -15.08 32.49
C ALA A 1 -17.36 -15.39 31.01
N GLU A 2 -16.31 -15.06 30.24
CA GLU A 2 -16.32 -15.30 28.80
C GLU A 2 -14.89 -15.31 28.26
N GLN A 3 -14.74 -15.83 27.05
CA GLN A 3 -13.43 -15.91 26.41
C GLN A 3 -13.20 -14.71 25.49
N ARG A 4 -12.05 -14.69 24.82
CA ARG A 4 -11.71 -13.60 23.92
C ARG A 4 -11.77 -12.27 24.64
N ALA A 5 -10.98 -12.13 25.70
CA ALA A 5 -10.94 -10.89 26.48
C ALA A 5 -9.50 -10.47 26.77
N SER A 6 -8.60 -10.78 25.83
CA SER A 6 -7.19 -10.44 25.99
C SER A 6 -6.89 -9.06 25.40
N PRO A 7 -6.54 -8.11 26.27
CA PRO A 7 -6.21 -6.74 25.87
C PRO A 7 -4.91 -6.65 25.08
N LEU A 8 -3.89 -7.35 25.57
CA LEU A 8 -2.59 -7.35 24.91
C LEU A 8 -2.71 -7.88 23.48
N THR A 9 -3.25 -9.08 23.34
CA THR A 9 -3.43 -9.70 22.03
C THR A 9 -4.20 -8.79 21.09
N SER A 10 -5.07 -7.96 21.65
CA SER A 10 -5.87 -7.04 20.86
C SER A 10 -5.02 -5.87 20.36
N ILE A 11 -4.03 -5.48 21.14
CA ILE A 11 -3.15 -4.38 20.77
C ILE A 11 -2.09 -4.84 19.77
N ILE A 12 -1.59 -6.06 19.96
CA ILE A 12 -0.58 -6.62 19.08
C ILE A 12 -1.10 -6.74 17.65
N SER A 13 -2.33 -7.24 17.51
CA SER A 13 -2.95 -7.40 16.21
C SER A 13 -3.26 -6.05 15.58
N ALA A 14 -3.60 -5.08 16.43
CA ALA A 14 -3.93 -3.74 15.96
C ALA A 14 -2.68 -2.99 15.50
N VAL A 15 -1.60 -3.12 16.26
CA VAL A 15 -0.35 -2.46 15.93
C VAL A 15 0.20 -2.96 14.59
N VAL A 16 0.49 -4.25 14.52
CA VAL A 16 1.00 -4.85 13.29
C VAL A 16 0.19 -4.42 12.08
N GLY A 17 -1.13 -4.50 12.21
CA GLY A 17 -2.01 -4.12 11.12
C GLY A 17 -1.66 -2.77 10.54
N ILE A 18 -1.68 -1.74 11.38
CA ILE A 18 -1.36 -0.39 10.94
C ILE A 18 0.07 -0.30 10.42
N LEU A 19 0.97 -1.06 11.04
CA LEU A 19 2.37 -1.07 10.63
C LEU A 19 2.51 -1.51 9.17
N LEU A 20 1.95 -2.66 8.85
CA LEU A 20 2.01 -3.19 7.49
C LEU A 20 1.50 -2.16 6.49
N VAL A 21 0.45 -1.45 6.87
CA VAL A 21 -0.15 -0.44 6.00
C VAL A 21 0.79 0.75 5.84
N VAL A 22 1.46 1.13 6.92
CA VAL A 22 2.38 2.26 6.90
C VAL A 22 3.61 1.94 6.05
N VAL A 23 4.28 0.83 6.37
CA VAL A 23 5.47 0.41 5.64
C VAL A 23 5.23 0.46 4.13
N LEU A 24 4.07 -0.04 3.71
CA LEU A 24 3.72 -0.06 2.29
C LEU A 24 3.73 1.35 1.72
N GLY A 25 2.90 2.23 2.28
CA GLY A 25 2.82 3.60 1.82
C GLY A 25 4.18 4.20 1.56
N VAL A 26 5.15 3.85 2.40
CA VAL A 26 6.52 4.35 2.26
C VAL A 26 7.23 3.69 1.09
N VAL A 27 7.06 2.38 0.96
CA VAL A 27 7.69 1.62 -0.12
C VAL A 27 7.20 2.10 -1.48
N PHE A 28 5.91 2.40 -1.57
CA PHE A 28 5.31 2.87 -2.81
C PHE A 28 5.86 4.24 -3.19
N GLY A 29 5.72 5.20 -2.27
CA GLY A 29 6.20 6.55 -2.53
C GLY A 29 7.69 6.60 -2.73
N ILE A 30 8.43 6.01 -1.79
CA ILE A 30 9.89 6.00 -1.87
C ILE A 30 10.37 5.56 -3.25
N LEU A 31 10.06 4.32 -3.60
CA LEU A 31 10.46 3.77 -4.90
C LEU A 31 10.11 4.74 -6.02
N ILE A 32 8.82 5.01 -6.20
CA ILE A 32 8.37 5.92 -7.23
C ILE A 32 9.19 7.21 -7.23
N LYS A 33 9.59 7.66 -6.05
CA LYS A 33 10.39 8.87 -5.91
C LYS A 33 11.77 8.68 -6.52
N ARG A 34 12.33 7.49 -6.33
CA ARG A 34 13.66 7.18 -6.86
C ARG A 34 13.58 6.83 -8.35
N ARG A 35 12.36 6.61 -8.84
CA ARG A 35 12.16 6.26 -10.25
C ARG A 35 11.71 7.49 -11.05
N GLN A 36 11.36 8.56 -10.33
CA GLN A 36 10.92 9.79 -10.98
C GLN A 36 12.11 10.64 -11.41
N GLN A 37 12.40 10.62 -12.70
CA GLN A 37 13.53 11.40 -13.24
C GLN A 37 13.02 12.55 -14.10
N LYS A 38 12.04 12.26 -14.95
CA LYS A 38 11.47 13.28 -15.82
C LYS A 38 10.80 14.39 -15.01
N ILE A 39 10.83 15.60 -15.55
CA ILE A 39 10.22 16.74 -14.88
C ILE A 39 8.74 16.51 -14.62
N ARG A 40 8.40 16.20 -13.37
CA ARG A 40 7.02 15.95 -12.99
C ARG A 40 6.43 17.14 -12.25
N LYS A 41 7.06 18.30 -12.40
CA LYS A 41 6.60 19.51 -11.74
C LYS A 41 5.43 20.13 -12.50
N TYR A 42 5.70 20.59 -13.72
CA TYR A 42 4.66 21.22 -14.54
C TYR A 42 3.57 20.21 -14.89
N THR A 43 3.92 18.93 -14.85
CA THR A 43 2.98 17.86 -15.17
C THR A 43 1.72 17.97 -14.31
N MET A 44 1.88 17.73 -13.02
CA MET A 44 0.76 17.80 -12.09
C MET A 44 0.03 19.13 -12.22
N ARG A 45 0.78 20.23 -12.14
CA ARG A 45 0.20 21.56 -12.26
C ARG A 45 -0.65 21.68 -13.51
N ARG A 46 -0.20 21.04 -14.58
CA ARG A 46 -0.92 21.07 -15.85
C ARG A 46 -2.08 20.07 -15.86
N LEU A 47 -1.97 19.05 -15.01
CA LEU A 47 -3.00 18.03 -14.91
C LEU A 47 -4.25 18.57 -14.23
N LEU A 48 -4.10 19.70 -13.55
CA LEU A 48 -5.22 20.33 -12.87
C LEU A 48 -6.35 20.65 -13.82
N GLN A 49 -6.02 20.75 -15.11
CA GLN A 49 -7.02 21.04 -16.14
C GLN A 49 -7.73 19.77 -16.58
N GLU A 50 -7.11 18.63 -16.30
CA GLU A 50 -7.69 17.34 -16.67
C GLU A 50 -8.86 16.99 -15.77
N THR A 51 -8.81 17.46 -14.53
CA THR A 51 -9.86 17.19 -13.56
C THR A 51 -11.23 17.60 -14.12
N GLU A 52 -11.22 18.58 -15.02
CA GLU A 52 -12.45 19.07 -15.62
C GLU A 52 -13.24 17.92 -16.25
N LEU A 53 -12.53 16.87 -16.65
CA LEU A 53 -13.16 15.72 -17.27
C LEU A 53 -13.91 14.88 -16.24
N VAL A 54 -13.44 14.93 -14.99
CA VAL A 54 -14.08 14.18 -13.91
C VAL A 54 -14.66 15.11 -12.87
N GLU A 55 -14.92 16.36 -13.28
CA GLU A 55 -15.49 17.35 -12.37
C GLU A 55 -16.89 17.74 -12.81
N PRO A 56 -17.86 16.85 -12.58
CA PRO A 56 -19.25 17.07 -12.94
C PRO A 56 -19.92 18.14 -12.08
N LEU A 57 -21.06 18.65 -12.54
CA LEU A 57 -21.78 19.68 -11.80
C LEU A 57 -23.27 19.32 -11.70
N GLY A 58 -23.76 19.23 -10.46
CA GLY A 58 -25.16 18.91 -10.25
C GLY A 58 -25.50 17.50 -10.69
N ALA B 1 14.47 -16.11 37.38
CA ALA B 1 15.59 -15.20 37.62
C ALA B 1 15.35 -13.86 36.95
N GLU B 2 14.70 -13.88 35.78
CA GLU B 2 14.41 -12.66 35.04
C GLU B 2 13.11 -12.79 34.25
N GLN B 3 12.59 -11.66 33.79
CA GLN B 3 11.35 -11.66 33.02
C GLN B 3 11.65 -11.51 31.53
N ARG B 4 12.93 -11.52 31.18
CA ARG B 4 13.34 -11.39 29.78
C ARG B 4 13.48 -12.75 29.12
N ALA B 5 12.43 -13.55 29.19
CA ALA B 5 12.43 -14.88 28.60
C ALA B 5 11.03 -15.28 28.12
N SER B 6 10.32 -14.32 27.53
CA SER B 6 8.97 -14.57 27.03
C SER B 6 9.01 -15.22 25.66
N PRO B 7 8.54 -16.47 25.58
CA PRO B 7 8.50 -17.23 24.32
C PRO B 7 7.48 -16.68 23.34
N LEU B 8 6.30 -16.32 23.85
CA LEU B 8 5.24 -15.78 23.02
C LEU B 8 5.68 -14.48 22.34
N THR B 9 6.13 -13.52 23.15
CA THR B 9 6.58 -12.24 22.64
C THR B 9 7.67 -12.42 21.59
N SER B 10 8.44 -13.49 21.73
CA SER B 10 9.53 -13.77 20.79
C SER B 10 8.97 -14.26 19.45
N ILE B 11 7.86 -14.99 19.51
CA ILE B 11 7.23 -15.52 18.31
C ILE B 11 6.42 -14.45 17.59
N ILE B 12 5.75 -13.60 18.37
CA ILE B 12 4.95 -12.52 17.81
C ILE B 12 5.80 -11.57 16.97
N SER B 13 6.98 -11.23 17.49
CA SER B 13 7.89 -10.32 16.79
C SER B 13 8.49 -11.01 15.57
N ALA B 14 8.73 -12.30 15.67
CA ALA B 14 9.29 -13.07 14.57
C ALA B 14 8.28 -13.26 13.45
N VAL B 15 7.04 -13.55 13.82
CA VAL B 15 5.97 -13.75 12.85
C VAL B 15 5.74 -12.49 12.02
N VAL B 16 5.35 -11.41 12.69
CA VAL B 16 5.09 -10.14 12.02
C VAL B 16 6.23 -9.80 11.05
N GLY B 17 7.47 -9.93 11.53
CA GLY B 17 8.62 -9.63 10.70
C GLY B 17 8.55 -10.30 9.35
N ILE B 18 8.45 -11.62 9.35
CA ILE B 18 8.38 -12.39 8.11
C ILE B 18 7.14 -12.02 7.31
N LEU B 19 6.05 -11.72 8.01
CA LEU B 19 4.80 -11.35 7.36
C LEU B 19 4.98 -10.11 6.50
N LEU B 20 5.49 -9.04 7.11
CA LEU B 20 5.73 -7.79 6.40
C LEU B 20 6.57 -8.02 5.15
N VAL B 21 7.56 -8.90 5.25
CA VAL B 21 8.43 -9.21 4.14
C VAL B 21 7.68 -9.96 3.05
N VAL B 22 6.78 -10.86 3.45
CA VAL B 22 5.98 -11.63 2.51
C VAL B 22 5.00 -10.75 1.75
N VAL B 23 4.17 -10.03 2.50
CA VAL B 23 3.18 -9.14 1.90
C VAL B 23 3.79 -8.28 0.81
N LEU B 24 4.98 -7.73 1.09
CA LEU B 24 5.68 -6.89 0.14
C LEU B 24 5.95 -7.64 -1.16
N GLY B 25 6.67 -8.75 -1.05
CA GLY B 25 6.99 -9.55 -2.22
C GLY B 25 5.80 -9.74 -3.13
N VAL B 26 4.62 -9.89 -2.54
CA VAL B 26 3.39 -10.08 -3.31
C VAL B 26 2.96 -8.77 -3.97
N VAL B 27 3.05 -7.68 -3.23
CA VAL B 27 2.66 -6.37 -3.74
C VAL B 27 3.54 -5.96 -4.91
N PHE B 28 4.82 -6.25 -4.81
CA PHE B 28 5.78 -5.91 -5.87
C PHE B 28 5.48 -6.71 -7.14
N GLY B 29 5.37 -8.03 -7.00
CA GLY B 29 5.10 -8.87 -8.14
C GLY B 29 3.72 -8.62 -8.73
N ILE B 30 2.71 -8.59 -7.86
CA ILE B 30 1.34 -8.35 -8.29
C ILE B 30 1.25 -7.14 -9.20
N LEU B 31 1.57 -5.97 -8.66
CA LEU B 31 1.52 -4.73 -9.42
C LEU B 31 2.25 -4.88 -10.75
N ILE B 32 3.55 -5.16 -10.68
CA ILE B 32 4.37 -5.33 -11.87
C ILE B 32 3.69 -6.27 -12.86
N LYS B 33 2.98 -7.26 -12.33
CA LYS B 33 2.28 -8.23 -13.16
C LYS B 33 1.11 -7.59 -13.90
N ARG B 34 0.49 -6.60 -13.26
CA ARG B 34 -0.65 -5.90 -13.84
C ARG B 34 -0.17 -4.74 -14.71
N ARG B 35 1.12 -4.45 -14.66
CA ARG B 35 1.69 -3.36 -15.44
C ARG B 35 2.47 -3.90 -16.63
N GLN B 36 2.85 -5.18 -16.55
CA GLN B 36 3.60 -5.82 -17.63
C GLN B 36 2.73 -6.04 -18.86
N GLN B 37 1.42 -6.19 -18.62
CA GLN B 37 0.47 -6.41 -19.71
C GLN B 37 0.15 -5.10 -20.43
N LYS B 38 -0.55 -4.21 -19.74
CA LYS B 38 -0.93 -2.92 -20.31
C LYS B 38 -1.05 -1.86 -19.22
N ILE B 39 -0.66 -0.64 -19.55
CA ILE B 39 -0.72 0.47 -18.59
C ILE B 39 -2.17 0.74 -18.18
N ARG B 40 -2.50 0.39 -16.94
CA ARG B 40 -3.84 0.60 -16.42
C ARG B 40 -4.17 2.09 -16.34
N LYS B 41 -3.14 2.92 -16.42
CA LYS B 41 -3.32 4.36 -16.36
C LYS B 41 -3.86 4.79 -15.00
N TYR B 42 -3.42 4.11 -13.95
CA TYR B 42 -3.87 4.41 -12.60
C TYR B 42 -3.18 5.66 -12.06
N THR B 43 -2.24 6.19 -12.84
CA THR B 43 -1.50 7.38 -12.44
C THR B 43 -2.45 8.52 -12.12
N MET B 44 -3.12 9.04 -13.14
CA MET B 44 -4.06 10.15 -12.96
C MET B 44 -5.08 9.82 -11.88
N ARG B 45 -5.71 8.66 -11.99
CA ARG B 45 -6.71 8.24 -11.01
C ARG B 45 -6.14 8.31 -9.59
N ARG B 46 -4.86 7.97 -9.46
CA ARG B 46 -4.20 8.00 -8.16
C ARG B 46 -3.78 9.41 -7.79
N LEU B 47 -3.60 10.26 -8.80
CA LEU B 47 -3.20 11.65 -8.59
C LEU B 47 -4.33 12.45 -7.97
N LEU B 48 -5.55 11.93 -8.06
CA LEU B 48 -6.72 12.60 -7.52
C LEU B 48 -6.55 12.87 -6.03
N GLN B 49 -5.69 12.09 -5.39
CA GLN B 49 -5.43 12.24 -3.96
C GLN B 49 -4.41 13.36 -3.70
N GLU B 50 -3.67 13.71 -4.74
CA GLU B 50 -2.65 14.75 -4.63
C GLU B 50 -3.30 16.13 -4.54
N THR B 51 -4.46 16.27 -5.18
CA THR B 51 -5.19 17.54 -5.18
C THR B 51 -5.40 18.04 -3.76
N GLU B 52 -5.46 17.13 -2.81
CA GLU B 52 -5.68 17.48 -1.41
C GLU B 52 -4.62 18.48 -0.94
N LEU B 53 -3.46 18.45 -1.59
CA LEU B 53 -2.37 19.36 -1.23
C LEU B 53 -2.66 20.77 -1.72
N VAL B 54 -3.42 20.88 -2.80
CA VAL B 54 -3.78 22.17 -3.37
C VAL B 54 -5.27 22.42 -3.26
N GLU B 55 -5.92 21.73 -2.33
CA GLU B 55 -7.35 21.88 -2.13
C GLU B 55 -7.67 22.28 -0.69
N PRO B 56 -7.28 23.50 -0.32
CA PRO B 56 -7.51 24.04 1.04
C PRO B 56 -8.97 24.32 1.31
N LEU B 57 -9.34 24.28 2.59
CA LEU B 57 -10.73 24.53 2.98
C LEU B 57 -11.12 25.99 2.73
N GLY B 58 -12.06 26.18 1.81
CA GLY B 58 -12.50 27.52 1.48
C GLY B 58 -13.53 27.54 0.37
N ALA A 1 -15.66 -15.07 33.21
CA ALA A 1 -17.04 -14.83 32.81
C ALA A 1 -17.24 -15.13 31.33
N GLU A 2 -16.22 -14.82 30.52
CA GLU A 2 -16.29 -15.05 29.09
C GLU A 2 -14.90 -15.14 28.49
N GLN A 3 -14.83 -15.61 27.24
CA GLN A 3 -13.55 -15.74 26.55
C GLN A 3 -13.32 -14.56 25.61
N ARG A 4 -12.11 -14.49 25.05
CA ARG A 4 -11.75 -13.41 24.14
C ARG A 4 -11.79 -12.06 24.85
N ALA A 5 -10.94 -11.91 25.87
CA ALA A 5 -10.87 -10.68 26.63
C ALA A 5 -9.43 -10.28 26.89
N SER A 6 -8.55 -10.59 25.94
CA SER A 6 -7.13 -10.26 26.07
C SER A 6 -6.83 -8.89 25.48
N PRO A 7 -6.44 -7.94 26.35
CA PRO A 7 -6.11 -6.58 25.93
C PRO A 7 -4.83 -6.51 25.11
N LEU A 8 -3.79 -7.20 25.57
CA LEU A 8 -2.50 -7.21 24.89
C LEU A 8 -2.66 -7.77 23.47
N THR A 9 -3.22 -8.97 23.38
CA THR A 9 -3.42 -9.61 22.07
C THR A 9 -4.18 -8.70 21.12
N SER A 10 -5.06 -7.87 21.69
CA SER A 10 -5.85 -6.94 20.89
C SER A 10 -5.00 -5.80 20.36
N ILE A 11 -3.99 -5.42 21.14
CA ILE A 11 -3.10 -4.33 20.75
C ILE A 11 -2.05 -4.81 19.75
N ILE A 12 -1.56 -6.02 19.97
CA ILE A 12 -0.54 -6.60 19.08
C ILE A 12 -1.07 -6.73 17.66
N SER A 13 -2.30 -7.22 17.53
CA SER A 13 -2.92 -7.39 16.22
C SER A 13 -3.25 -6.04 15.59
N ALA A 14 -3.58 -5.07 16.43
CA ALA A 14 -3.91 -3.73 15.95
C ALA A 14 -2.67 -2.98 15.49
N VAL A 15 -1.59 -3.11 16.25
CA VAL A 15 -0.33 -2.46 15.90
C VAL A 15 0.21 -2.96 14.57
N VAL A 16 0.50 -4.25 14.51
CA VAL A 16 1.03 -4.86 13.29
C VAL A 16 0.20 -4.44 12.07
N GLY A 17 -1.12 -4.52 12.21
CA GLY A 17 -2.00 -4.15 11.12
C GLY A 17 -1.66 -2.79 10.52
N ILE A 18 -1.67 -1.77 11.36
CA ILE A 18 -1.36 -0.41 10.92
C ILE A 18 0.07 -0.32 10.40
N LEU A 19 0.97 -1.08 11.02
CA LEU A 19 2.37 -1.09 10.62
C LEU A 19 2.52 -1.52 9.17
N LEU A 20 1.96 -2.67 8.83
CA LEU A 20 2.02 -3.21 7.47
C LEU A 20 1.50 -2.19 6.47
N VAL A 21 0.44 -1.48 6.86
CA VAL A 21 -0.16 -0.47 5.99
C VAL A 21 0.77 0.73 5.82
N VAL A 22 1.44 1.10 6.91
CA VAL A 22 2.36 2.24 6.89
C VAL A 22 3.58 1.93 6.03
N VAL A 23 4.26 0.84 6.35
CA VAL A 23 5.46 0.43 5.62
C VAL A 23 5.22 0.48 4.12
N LEU A 24 4.06 -0.03 3.69
CA LEU A 24 3.71 -0.05 2.27
C LEU A 24 3.70 1.37 1.70
N GLY A 25 2.86 2.23 2.28
CA GLY A 25 2.77 3.60 1.82
C GLY A 25 4.13 4.21 1.55
N VAL A 26 5.12 3.86 2.39
CA VAL A 26 6.46 4.39 2.24
C VAL A 26 7.18 3.73 1.07
N VAL A 27 7.00 2.42 0.92
CA VAL A 27 7.63 1.67 -0.16
C VAL A 27 7.12 2.14 -1.51
N PHE A 28 5.83 2.43 -1.59
CA PHE A 28 5.22 2.90 -2.83
C PHE A 28 5.73 4.28 -3.21
N GLY A 29 5.64 5.21 -2.28
CA GLY A 29 6.10 6.57 -2.53
C GLY A 29 7.60 6.64 -2.76
N ILE A 30 8.37 6.04 -1.85
CA ILE A 30 9.81 6.04 -1.96
C ILE A 30 10.27 5.60 -3.34
N LEU A 31 9.96 4.35 -3.69
CA LEU A 31 10.33 3.80 -4.99
C LEU A 31 9.94 4.75 -6.11
N ILE A 32 8.65 4.98 -6.27
CA ILE A 32 8.16 5.88 -7.31
C ILE A 32 8.93 7.19 -7.31
N LYS A 33 9.33 7.64 -6.13
CA LYS A 33 10.08 8.89 -6.00
C LYS A 33 11.48 8.74 -6.59
N ARG A 34 12.06 7.55 -6.43
CA ARG A 34 13.40 7.28 -6.95
C ARG A 34 13.34 6.90 -8.43
N ARG A 35 12.13 6.70 -8.94
CA ARG A 35 11.94 6.33 -10.34
C ARG A 35 11.47 7.52 -11.16
N GLN A 36 10.95 8.53 -10.47
CA GLN A 36 10.45 9.73 -11.14
C GLN A 36 11.61 10.60 -11.63
N GLN A 37 11.91 10.50 -12.92
CA GLN A 37 12.99 11.28 -13.51
C GLN A 37 12.79 12.77 -13.27
N LYS A 38 13.72 13.58 -13.77
CA LYS A 38 13.64 15.02 -13.61
C LYS A 38 12.33 15.57 -14.18
N ILE A 39 11.35 15.78 -13.30
CA ILE A 39 10.06 16.30 -13.70
C ILE A 39 10.19 17.69 -14.32
N ARG A 40 9.93 17.78 -15.62
CA ARG A 40 10.03 19.05 -16.32
C ARG A 40 8.68 19.78 -16.31
N LYS A 41 7.64 19.05 -15.92
CA LYS A 41 6.29 19.63 -15.86
C LYS A 41 5.82 20.06 -17.25
N TYR A 42 6.29 19.37 -18.28
CA TYR A 42 5.92 19.68 -19.65
C TYR A 42 4.97 18.62 -20.21
N THR A 43 5.20 17.37 -19.84
CA THR A 43 4.36 16.27 -20.30
C THR A 43 2.89 16.56 -20.04
N MET A 44 2.58 16.98 -18.82
CA MET A 44 1.21 17.30 -18.44
C MET A 44 0.65 18.44 -19.27
N ARG A 45 1.47 19.48 -19.46
CA ARG A 45 1.07 20.64 -20.25
C ARG A 45 0.52 20.21 -21.61
N ARG A 46 1.15 19.22 -22.21
CA ARG A 46 0.72 18.72 -23.50
C ARG A 46 -0.45 17.75 -23.37
N LEU A 47 -0.58 17.15 -22.19
CA LEU A 47 -1.65 16.20 -21.92
C LEU A 47 -3.00 16.92 -21.87
N LEU A 48 -2.96 18.21 -21.55
CA LEU A 48 -4.19 19.00 -21.47
C LEU A 48 -4.94 18.98 -22.79
N GLN A 49 -4.24 18.69 -23.88
CA GLN A 49 -4.84 18.64 -25.20
C GLN A 49 -5.55 17.30 -25.41
N GLU A 50 -5.22 16.32 -24.57
CA GLU A 50 -5.82 15.00 -24.67
C GLU A 50 -7.31 15.05 -24.33
N THR A 51 -7.67 15.97 -23.45
CA THR A 51 -9.06 16.12 -23.02
C THR A 51 -9.99 16.23 -24.22
N GLU A 52 -9.48 16.78 -25.32
CA GLU A 52 -10.28 16.93 -26.54
C GLU A 52 -10.87 15.59 -26.98
N LEU A 53 -10.15 14.51 -26.69
CA LEU A 53 -10.60 13.17 -27.05
C LEU A 53 -11.84 12.79 -26.24
N VAL A 54 -11.94 13.31 -25.02
CA VAL A 54 -13.08 13.02 -24.16
C VAL A 54 -13.92 14.27 -23.92
N GLU A 55 -13.80 15.25 -24.81
CA GLU A 55 -14.54 16.50 -24.69
C GLU A 55 -15.37 16.75 -25.95
N PRO A 56 -16.40 15.92 -26.16
CA PRO A 56 -17.30 16.03 -27.31
C PRO A 56 -18.19 17.26 -27.23
N LEU A 57 -18.89 17.55 -28.32
CA LEU A 57 -19.78 18.71 -28.38
C LEU A 57 -21.21 18.27 -28.69
N GLY A 58 -22.18 18.97 -28.12
CA GLY A 58 -23.58 18.65 -28.36
C GLY A 58 -24.38 19.86 -28.79
N ALA B 1 15.42 -16.11 37.19
CA ALA B 1 16.85 -16.26 36.98
C ALA B 1 17.32 -15.43 35.79
N GLU B 2 16.38 -15.10 34.89
CA GLU B 2 16.70 -14.30 33.71
C GLU B 2 15.78 -13.09 33.61
N GLN B 3 16.17 -12.14 32.78
CA GLN B 3 15.39 -10.92 32.59
C GLN B 3 14.22 -11.17 31.64
N ARG B 4 14.54 -11.35 30.36
CA ARG B 4 13.52 -11.60 29.34
C ARG B 4 13.54 -13.06 28.90
N ALA B 5 12.41 -13.73 29.08
CA ALA B 5 12.30 -15.14 28.69
C ALA B 5 10.88 -15.46 28.22
N SER B 6 10.29 -14.53 27.47
CA SER B 6 8.93 -14.72 26.97
C SER B 6 8.96 -15.38 25.58
N PRO B 7 8.44 -16.61 25.51
CA PRO B 7 8.39 -17.37 24.26
C PRO B 7 7.39 -16.78 23.26
N LEU B 8 6.21 -16.45 23.74
CA LEU B 8 5.16 -15.88 22.89
C LEU B 8 5.64 -14.57 22.27
N THR B 9 6.07 -13.64 23.10
CA THR B 9 6.54 -12.35 22.63
C THR B 9 7.63 -12.51 21.57
N SER B 10 8.42 -13.58 21.70
CA SER B 10 9.49 -13.85 20.75
C SER B 10 8.93 -14.34 19.42
N ILE B 11 7.81 -15.05 19.48
CA ILE B 11 7.17 -15.56 18.27
C ILE B 11 6.38 -14.47 17.56
N ILE B 12 5.71 -13.62 18.34
CA ILE B 12 4.91 -12.54 17.78
C ILE B 12 5.77 -11.59 16.96
N SER B 13 6.95 -11.26 17.49
CA SER B 13 7.87 -10.36 16.80
C SER B 13 8.47 -11.03 15.57
N ALA B 14 8.70 -12.34 15.67
CA ALA B 14 9.27 -13.11 14.57
C ALA B 14 8.27 -13.28 13.44
N VAL B 15 7.01 -13.55 13.81
CA VAL B 15 5.95 -13.75 12.82
C VAL B 15 5.73 -12.47 12.00
N VAL B 16 5.34 -11.40 12.68
CA VAL B 16 5.09 -10.13 12.01
C VAL B 16 6.23 -9.78 11.06
N GLY B 17 7.46 -9.92 11.54
CA GLY B 17 8.62 -9.61 10.72
C GLY B 17 8.55 -10.28 9.35
N ILE B 18 8.46 -11.61 9.35
CA ILE B 18 8.39 -12.37 8.11
C ILE B 18 7.15 -11.99 7.31
N LEU B 19 6.06 -11.70 8.01
CA LEU B 19 4.81 -11.32 7.36
C LEU B 19 5.00 -10.08 6.49
N LEU B 20 5.51 -9.01 7.11
CA LEU B 20 5.74 -7.77 6.40
C LEU B 20 6.59 -8.00 5.15
N VAL B 21 7.58 -8.87 5.27
CA VAL B 21 8.46 -9.19 4.16
C VAL B 21 7.72 -9.95 3.05
N VAL B 22 6.83 -10.84 3.47
CA VAL B 22 6.05 -11.63 2.52
C VAL B 22 5.05 -10.75 1.76
N VAL B 23 4.21 -10.03 2.51
CA VAL B 23 3.22 -9.15 1.90
C VAL B 23 3.83 -8.29 0.81
N LEU B 24 5.00 -7.73 1.10
CA LEU B 24 5.70 -6.89 0.14
C LEU B 24 5.99 -7.64 -1.15
N GLY B 25 6.72 -8.74 -1.04
CA GLY B 25 7.04 -9.54 -2.21
C GLY B 25 5.85 -9.74 -3.13
N VAL B 26 4.67 -9.90 -2.54
CA VAL B 26 3.44 -10.09 -3.31
C VAL B 26 3.00 -8.79 -3.97
N VAL B 27 3.08 -7.69 -3.22
CA VAL B 27 2.69 -6.39 -3.73
C VAL B 27 3.57 -5.96 -4.91
N PHE B 28 4.86 -6.27 -4.81
CA PHE B 28 5.81 -5.92 -5.86
C PHE B 28 5.52 -6.72 -7.13
N GLY B 29 5.43 -8.04 -6.99
CA GLY B 29 5.17 -8.89 -8.13
C GLY B 29 3.78 -8.65 -8.72
N ILE B 30 2.77 -8.64 -7.86
CA ILE B 30 1.40 -8.42 -8.31
C ILE B 30 1.30 -7.20 -9.20
N LEU B 31 1.60 -6.03 -8.63
CA LEU B 31 1.55 -4.78 -9.38
C LEU B 31 2.28 -4.90 -10.71
N ILE B 32 3.58 -5.16 -10.64
CA ILE B 32 4.40 -5.30 -11.84
C ILE B 32 3.74 -6.25 -12.84
N LYS B 33 3.06 -7.27 -12.31
CA LYS B 33 2.39 -8.26 -13.15
C LYS B 33 1.20 -7.63 -13.88
N ARG B 34 0.54 -6.68 -13.21
CA ARG B 34 -0.60 -6.00 -13.79
C ARG B 34 -0.16 -4.83 -14.67
N ARG B 35 1.12 -4.50 -14.59
CA ARG B 35 1.66 -3.39 -15.38
C ARG B 35 2.45 -3.90 -16.58
N GLN B 36 2.84 -5.18 -16.52
CA GLN B 36 3.59 -5.80 -17.60
C GLN B 36 2.71 -6.05 -18.81
N GLN B 37 1.41 -6.17 -18.57
CA GLN B 37 0.45 -6.41 -19.64
C GLN B 37 0.46 -5.27 -20.65
N LYS B 38 -0.03 -4.11 -20.21
CA LYS B 38 -0.10 -2.93 -21.07
C LYS B 38 -0.35 -1.67 -20.24
N ILE B 39 0.11 -0.54 -20.75
CA ILE B 39 -0.07 0.74 -20.06
C ILE B 39 -1.53 1.19 -20.12
N ARG B 40 -2.20 1.15 -18.97
CA ARG B 40 -3.60 1.56 -18.89
C ARG B 40 -3.73 3.07 -18.99
N LYS B 41 -2.61 3.77 -18.90
CA LYS B 41 -2.60 5.23 -18.98
C LYS B 41 -3.42 5.84 -17.84
N TYR B 42 -3.18 5.37 -16.63
CA TYR B 42 -3.89 5.87 -15.46
C TYR B 42 -3.28 7.18 -14.97
N THR B 43 -2.00 7.38 -15.25
CA THR B 43 -1.30 8.58 -14.85
C THR B 43 -2.05 9.83 -15.29
N MET B 44 -2.45 9.86 -16.56
CA MET B 44 -3.18 11.00 -17.10
C MET B 44 -4.52 11.16 -16.40
N ARG B 45 -5.23 10.04 -16.22
CA ARG B 45 -6.53 10.06 -15.56
C ARG B 45 -6.46 10.81 -14.23
N ARG B 46 -5.37 10.60 -13.50
CA ARG B 46 -5.18 11.25 -12.20
C ARG B 46 -4.68 12.68 -12.38
N LEU B 47 -4.04 12.93 -13.51
CA LEU B 47 -3.50 14.26 -13.80
C LEU B 47 -4.62 15.27 -14.03
N LEU B 48 -5.79 14.77 -14.42
CA LEU B 48 -6.94 15.62 -14.67
C LEU B 48 -7.31 16.42 -13.43
N GLN B 49 -6.90 15.91 -12.26
CA GLN B 49 -7.19 16.58 -11.00
C GLN B 49 -6.21 17.71 -10.75
N GLU B 50 -5.10 17.71 -11.49
CA GLU B 50 -4.08 18.74 -11.35
C GLU B 50 -4.61 20.09 -11.83
N THR B 51 -5.52 20.07 -12.80
CA THR B 51 -6.10 21.29 -13.34
C THR B 51 -6.63 22.19 -12.24
N GLU B 52 -7.06 21.58 -11.14
CA GLU B 52 -7.58 22.34 -10.01
C GLU B 52 -6.58 23.38 -9.54
N LEU B 53 -5.29 23.07 -9.69
CA LEU B 53 -4.23 23.99 -9.28
C LEU B 53 -4.22 25.23 -10.16
N VAL B 54 -4.65 25.07 -11.40
CA VAL B 54 -4.69 26.19 -12.35
C VAL B 54 -6.12 26.53 -12.74
N GLU B 55 -7.07 26.13 -11.90
CA GLU B 55 -8.48 26.38 -12.15
C GLU B 55 -8.75 27.88 -12.23
N PRO B 56 -9.89 28.24 -12.84
CA PRO B 56 -10.29 29.65 -13.00
C PRO B 56 -10.69 30.28 -11.67
N LEU B 57 -10.14 31.46 -11.38
CA LEU B 57 -10.45 32.16 -10.15
C LEU B 57 -11.60 33.13 -10.35
N GLY B 58 -12.43 33.28 -9.31
CA GLY B 58 -13.57 34.18 -9.40
C GLY B 58 -14.39 34.18 -8.13
N ALA A 1 -14.81 -15.43 33.42
CA ALA A 1 -16.17 -14.96 33.24
C ALA A 1 -16.56 -14.91 31.76
N GLU A 2 -15.59 -14.57 30.91
CA GLU A 2 -15.84 -14.49 29.48
C GLU A 2 -14.58 -14.85 28.70
N GLN A 3 -14.71 -14.91 27.37
CA GLN A 3 -13.59 -15.25 26.51
C GLN A 3 -13.16 -14.04 25.67
N ARG A 4 -12.21 -14.26 24.78
CA ARG A 4 -11.71 -13.19 23.91
C ARG A 4 -11.63 -11.87 24.67
N ALA A 5 -10.93 -11.88 25.80
CA ALA A 5 -10.79 -10.69 26.62
C ALA A 5 -9.31 -10.35 26.83
N SER A 6 -8.47 -10.79 25.90
CA SER A 6 -7.04 -10.52 25.98
C SER A 6 -6.70 -9.14 25.43
N PRO A 7 -6.23 -8.26 26.32
CA PRO A 7 -5.85 -6.89 25.94
C PRO A 7 -4.60 -6.84 25.09
N LEU A 8 -3.62 -7.66 25.44
CA LEU A 8 -2.37 -7.72 24.70
C LEU A 8 -2.60 -8.19 23.27
N THR A 9 -3.22 -9.36 23.12
CA THR A 9 -3.50 -9.92 21.81
C THR A 9 -4.25 -8.93 20.94
N SER A 10 -5.06 -8.07 21.57
CA SER A 10 -5.83 -7.07 20.85
C SER A 10 -4.93 -5.95 20.34
N ILE A 11 -3.89 -5.64 21.10
CA ILE A 11 -2.95 -4.59 20.73
C ILE A 11 -1.95 -5.09 19.69
N ILE A 12 -1.59 -6.37 19.81
CA ILE A 12 -0.64 -6.97 18.88
C ILE A 12 -1.18 -6.98 17.46
N SER A 13 -2.46 -7.34 17.32
CA SER A 13 -3.11 -7.40 16.01
C SER A 13 -3.37 -5.99 15.48
N ALA A 14 -3.58 -5.05 16.39
CA ALA A 14 -3.85 -3.67 16.01
C ALA A 14 -2.57 -2.96 15.57
N VAL A 15 -1.51 -3.15 16.35
CA VAL A 15 -0.22 -2.53 16.05
C VAL A 15 0.30 -3.00 14.69
N VAL A 16 0.56 -4.30 14.57
CA VAL A 16 1.08 -4.87 13.34
C VAL A 16 0.24 -4.41 12.14
N GLY A 17 -1.08 -4.49 12.28
CA GLY A 17 -1.97 -4.07 11.21
C GLY A 17 -1.58 -2.73 10.62
N ILE A 18 -1.51 -1.70 11.47
CA ILE A 18 -1.15 -0.37 11.02
C ILE A 18 0.29 -0.33 10.52
N LEU A 19 1.15 -1.12 11.15
CA LEU A 19 2.56 -1.18 10.76
C LEU A 19 2.71 -1.57 9.30
N LEU A 20 2.07 -2.68 8.92
CA LEU A 20 2.13 -3.16 7.55
C LEU A 20 1.61 -2.11 6.57
N VAL A 21 0.51 -1.46 6.94
CA VAL A 21 -0.08 -0.43 6.10
C VAL A 21 0.82 0.80 6.01
N VAL A 22 1.64 1.00 7.03
CA VAL A 22 2.56 2.13 7.07
C VAL A 22 3.76 1.89 6.15
N VAL A 23 4.43 0.76 6.36
CA VAL A 23 5.60 0.43 5.54
C VAL A 23 5.29 0.56 4.06
N LEU A 24 4.15 0.04 3.65
CA LEU A 24 3.73 0.10 2.24
C LEU A 24 3.56 1.55 1.79
N GLY A 25 2.78 2.31 2.56
CA GLY A 25 2.55 3.70 2.22
C GLY A 25 3.82 4.43 1.86
N VAL A 26 4.91 4.11 2.56
CA VAL A 26 6.20 4.75 2.30
C VAL A 26 6.80 4.25 0.99
N VAL A 27 6.66 2.96 0.73
CA VAL A 27 7.19 2.36 -0.49
C VAL A 27 6.45 2.86 -1.72
N PHE A 28 5.12 2.94 -1.61
CA PHE A 28 4.29 3.40 -2.71
C PHE A 28 4.64 4.84 -3.09
N GLY A 29 4.67 5.71 -2.08
CA GLY A 29 5.00 7.12 -2.33
C GLY A 29 6.38 7.29 -2.91
N ILE A 30 7.34 6.51 -2.42
CA ILE A 30 8.71 6.59 -2.91
C ILE A 30 8.78 6.37 -4.42
N LEU A 31 8.14 5.30 -4.88
CA LEU A 31 8.13 4.97 -6.30
C LEU A 31 7.54 6.12 -7.12
N ILE A 32 6.36 6.58 -6.69
CA ILE A 32 5.69 7.68 -7.38
C ILE A 32 6.61 8.88 -7.53
N LYS A 33 7.26 9.27 -6.44
CA LYS A 33 8.16 10.41 -6.46
C LYS A 33 9.27 10.22 -7.49
N ARG A 34 9.84 9.02 -7.53
CA ARG A 34 10.90 8.71 -8.48
C ARG A 34 10.34 8.58 -9.89
N ARG A 35 9.03 8.44 -9.99
CA ARG A 35 8.37 8.32 -11.29
C ARG A 35 8.02 9.68 -11.86
N GLN A 36 7.51 10.56 -11.00
CA GLN A 36 7.14 11.91 -11.42
C GLN A 36 8.29 12.60 -12.15
N GLN A 37 7.97 13.67 -12.87
CA GLN A 37 8.98 14.41 -13.61
C GLN A 37 9.45 15.64 -12.82
N LYS A 38 8.57 16.61 -12.69
CA LYS A 38 8.88 17.84 -11.96
C LYS A 38 8.00 17.99 -10.73
N ILE A 39 6.74 17.58 -10.86
CA ILE A 39 5.79 17.66 -9.75
C ILE A 39 6.36 17.03 -8.50
N ARG A 40 6.40 17.80 -7.42
CA ARG A 40 6.92 17.32 -6.15
C ARG A 40 5.82 16.61 -5.35
N LYS A 41 4.85 17.38 -4.89
CA LYS A 41 3.74 16.82 -4.12
C LYS A 41 2.40 17.16 -4.76
N TYR A 42 2.45 17.70 -5.97
CA TYR A 42 1.24 18.06 -6.69
C TYR A 42 0.74 16.91 -7.55
N THR A 43 1.28 15.72 -7.31
CA THR A 43 0.90 14.54 -8.08
C THR A 43 -0.60 14.31 -8.01
N MET A 44 -1.08 13.84 -6.86
CA MET A 44 -2.50 13.58 -6.67
C MET A 44 -3.33 14.80 -7.02
N ARG A 45 -2.92 15.96 -6.49
CA ARG A 45 -3.64 17.21 -6.75
C ARG A 45 -3.79 17.45 -8.24
N ARG A 46 -2.80 17.00 -9.01
CA ARG A 46 -2.82 17.16 -10.46
C ARG A 46 -3.67 16.09 -11.13
N LEU A 47 -3.82 14.96 -10.43
CA LEU A 47 -4.61 13.85 -10.96
C LEU A 47 -6.11 14.14 -10.86
N LEU A 48 -6.45 15.12 -10.04
CA LEU A 48 -7.85 15.51 -9.86
C LEU A 48 -8.47 15.94 -11.19
N GLN A 49 -7.62 16.34 -12.13
CA GLN A 49 -8.10 16.77 -13.44
C GLN A 49 -8.38 15.57 -14.34
N GLU A 50 -7.87 14.40 -13.93
CA GLU A 50 -8.09 13.18 -14.71
C GLU A 50 -9.48 12.62 -14.47
N THR A 51 -10.09 13.01 -13.35
CA THR A 51 -11.43 12.54 -13.01
C THR A 51 -12.41 12.79 -14.15
N GLU A 52 -12.13 13.83 -14.94
CA GLU A 52 -12.99 14.17 -16.08
C GLU A 52 -13.16 12.97 -17.02
N LEU A 53 -12.17 12.09 -17.02
CA LEU A 53 -12.21 10.91 -17.86
C LEU A 53 -13.19 9.87 -17.31
N VAL A 54 -13.37 9.88 -15.99
CA VAL A 54 -14.28 8.95 -15.35
C VAL A 54 -15.46 9.68 -14.71
N GLU A 55 -15.72 10.89 -15.20
CA GLU A 55 -16.82 11.70 -14.68
C GLU A 55 -18.14 11.33 -15.35
N PRO A 56 -19.25 11.71 -14.71
CA PRO A 56 -20.60 11.43 -15.24
C PRO A 56 -20.91 12.23 -16.50
N LEU A 57 -21.98 11.84 -17.19
CA LEU A 57 -22.39 12.52 -18.41
C LEU A 57 -23.79 13.10 -18.26
N GLY A 58 -23.96 14.34 -18.71
CA GLY A 58 -25.25 14.99 -18.62
C GLY A 58 -25.58 15.82 -19.85
N ALA B 1 13.95 -16.22 37.39
CA ALA B 1 15.18 -15.47 37.58
C ALA B 1 15.12 -14.12 36.86
N GLU B 2 14.47 -14.10 35.71
CA GLU B 2 14.34 -12.88 34.92
C GLU B 2 13.03 -12.87 34.15
N GLN B 3 12.79 -11.77 33.42
CA GLN B 3 11.57 -11.64 32.63
C GLN B 3 11.89 -11.55 31.14
N ARG B 4 13.16 -11.77 30.80
CA ARG B 4 13.59 -11.71 29.41
C ARG B 4 13.57 -13.10 28.78
N ALA B 5 12.51 -13.85 29.05
CA ALA B 5 12.37 -15.19 28.51
C ALA B 5 10.94 -15.45 28.04
N SER B 6 10.30 -14.41 27.51
CA SER B 6 8.93 -14.52 27.03
C SER B 6 8.88 -15.21 25.67
N PRO B 7 8.28 -16.41 25.63
CA PRO B 7 8.16 -17.20 24.40
C PRO B 7 7.19 -16.57 23.42
N LEU B 8 6.08 -16.05 23.93
CA LEU B 8 5.07 -15.42 23.09
C LEU B 8 5.62 -14.18 22.41
N THR B 9 6.16 -13.25 23.20
CA THR B 9 6.72 -12.02 22.67
C THR B 9 7.76 -12.31 21.60
N SER B 10 8.46 -13.44 21.75
CA SER B 10 9.49 -13.83 20.78
C SER B 10 8.86 -14.28 19.47
N ILE B 11 7.69 -14.89 19.56
CA ILE B 11 6.99 -15.38 18.38
C ILE B 11 6.25 -14.24 17.67
N ILE B 12 5.77 -13.28 18.46
CA ILE B 12 5.05 -12.14 17.91
C ILE B 12 5.95 -11.29 17.02
N SER B 13 7.19 -11.08 17.47
CA SER B 13 8.15 -10.29 16.72
C SER B 13 8.65 -11.07 15.50
N ALA B 14 8.72 -12.39 15.63
CA ALA B 14 9.18 -13.24 14.55
C ALA B 14 8.12 -13.38 13.46
N VAL B 15 6.87 -13.60 13.89
CA VAL B 15 5.77 -13.75 12.95
C VAL B 15 5.59 -12.49 12.11
N VAL B 16 5.28 -11.38 12.77
CA VAL B 16 5.09 -10.11 12.08
C VAL B 16 6.22 -9.83 11.11
N GLY B 17 7.46 -9.99 11.57
CA GLY B 17 8.61 -9.75 10.72
C GLY B 17 8.47 -10.42 9.37
N ILE B 18 8.26 -11.74 9.37
CA ILE B 18 8.11 -12.48 8.13
C ILE B 18 6.86 -12.05 7.37
N LEU B 19 5.81 -11.71 8.11
CA LEU B 19 4.56 -11.28 7.52
C LEU B 19 4.77 -10.06 6.62
N LEU B 20 5.40 -9.02 7.17
CA LEU B 20 5.67 -7.81 6.42
C LEU B 20 6.49 -8.11 5.16
N VAL B 21 7.49 -8.96 5.32
CA VAL B 21 8.35 -9.33 4.20
C VAL B 21 7.58 -10.12 3.15
N VAL B 22 6.54 -10.82 3.60
CA VAL B 22 5.72 -11.63 2.70
C VAL B 22 4.81 -10.74 1.85
N VAL B 23 4.02 -9.91 2.52
CA VAL B 23 3.10 -9.01 1.83
C VAL B 23 3.81 -8.26 0.71
N LEU B 24 4.99 -7.73 1.02
CA LEU B 24 5.77 -6.98 0.03
C LEU B 24 6.11 -7.86 -1.17
N GLY B 25 6.68 -9.03 -0.90
CA GLY B 25 7.04 -9.94 -1.96
C GLY B 25 5.94 -10.12 -2.98
N VAL B 26 4.69 -10.15 -2.50
CA VAL B 26 3.53 -10.31 -3.38
C VAL B 26 3.29 -9.07 -4.21
N VAL B 27 3.49 -7.90 -3.60
CA VAL B 27 3.29 -6.62 -4.27
C VAL B 27 4.36 -6.40 -5.35
N PHE B 28 5.60 -6.75 -5.01
CA PHE B 28 6.71 -6.59 -5.94
C PHE B 28 6.53 -7.47 -7.18
N GLY B 29 6.23 -8.75 -6.93
CA GLY B 29 6.03 -9.68 -8.04
C GLY B 29 4.93 -9.23 -8.97
N ILE B 30 3.83 -8.75 -8.42
CA ILE B 30 2.70 -8.29 -9.22
C ILE B 30 3.12 -7.18 -10.17
N LEU B 31 3.72 -6.13 -9.62
CA LEU B 31 4.18 -5.00 -10.43
C LEU B 31 4.99 -5.48 -11.63
N ILE B 32 6.01 -6.29 -11.36
CA ILE B 32 6.86 -6.82 -12.41
C ILE B 32 6.03 -7.42 -13.54
N LYS B 33 5.20 -8.41 -13.21
CA LYS B 33 4.35 -9.07 -14.18
C LYS B 33 3.40 -8.07 -14.83
N ARG B 34 3.15 -6.96 -14.14
CA ARG B 34 2.25 -5.93 -14.66
C ARG B 34 2.99 -5.01 -15.63
N ARG B 35 4.32 -5.03 -15.57
CA ARG B 35 5.15 -4.20 -16.44
C ARG B 35 5.55 -4.96 -17.70
N GLN B 36 5.90 -6.24 -17.52
CA GLN B 36 6.31 -7.08 -18.64
C GLN B 36 5.22 -7.14 -19.70
N GLN B 37 3.97 -7.02 -19.28
CA GLN B 37 2.83 -7.07 -20.19
C GLN B 37 2.58 -5.69 -20.80
N LYS B 38 2.13 -4.76 -19.99
CA LYS B 38 1.85 -3.40 -20.45
C LYS B 38 1.57 -2.47 -19.28
N ILE B 39 1.82 -1.18 -19.48
CA ILE B 39 1.60 -0.18 -18.43
C ILE B 39 0.13 0.23 -18.38
N ARG B 40 -0.63 -0.41 -17.49
CA ARG B 40 -2.05 -0.10 -17.34
C ARG B 40 -2.27 1.03 -16.34
N LYS B 41 -1.21 1.35 -15.59
CA LYS B 41 -1.29 2.41 -14.58
C LYS B 41 -2.29 2.06 -13.50
N TYR B 42 -2.07 0.92 -12.85
CA TYR B 42 -2.95 0.46 -11.78
C TYR B 42 -3.01 1.50 -10.65
N THR B 43 -1.95 2.29 -10.54
CA THR B 43 -1.88 3.32 -9.51
C THR B 43 -3.12 4.20 -9.51
N MET B 44 -3.30 4.95 -10.59
CA MET B 44 -4.46 5.84 -10.72
C MET B 44 -5.75 5.09 -10.41
N ARG B 45 -5.92 3.93 -11.03
CA ARG B 45 -7.11 3.12 -10.82
C ARG B 45 -7.36 2.88 -9.33
N ARG B 46 -6.28 2.73 -8.58
CA ARG B 46 -6.36 2.50 -7.14
C ARG B 46 -6.57 3.80 -6.38
N LEU B 47 -6.15 4.91 -7.00
CA LEU B 47 -6.29 6.23 -6.39
C LEU B 47 -7.74 6.68 -6.39
N LEU B 48 -8.56 6.03 -7.20
CA LEU B 48 -9.98 6.37 -7.30
C LEU B 48 -10.66 6.25 -5.94
N GLN B 49 -10.06 5.45 -5.05
CA GLN B 49 -10.60 5.25 -3.71
C GLN B 49 -10.23 6.41 -2.80
N GLU B 50 -9.23 7.18 -3.21
CA GLU B 50 -8.78 8.33 -2.42
C GLU B 50 -9.71 9.51 -2.59
N THR B 51 -10.48 9.51 -3.67
CA THR B 51 -11.42 10.59 -3.95
C THR B 51 -12.32 10.86 -2.75
N GLU B 52 -12.58 9.82 -1.97
CA GLU B 52 -13.43 9.93 -0.79
C GLU B 52 -12.91 11.02 0.14
N LEU B 53 -11.60 11.28 0.09
CA LEU B 53 -10.99 12.30 0.92
C LEU B 53 -11.32 13.70 0.42
N VAL B 54 -11.55 13.80 -0.89
CA VAL B 54 -11.87 15.09 -1.50
C VAL B 54 -13.28 15.08 -2.06
N GLU B 55 -14.12 14.18 -1.54
CA GLU B 55 -15.50 14.08 -1.98
C GLU B 55 -16.38 15.09 -1.26
N PRO B 56 -17.57 15.35 -1.84
CA PRO B 56 -18.53 16.30 -1.26
C PRO B 56 -19.16 15.78 0.03
N LEU B 57 -19.15 16.62 1.06
CA LEU B 57 -19.71 16.25 2.35
C LEU B 57 -21.10 16.86 2.53
N GLY B 58 -22.12 16.00 2.53
CA GLY B 58 -23.48 16.47 2.70
C GLY B 58 -24.36 15.45 3.40
N ALA A 1 -13.83 -14.95 34.31
CA ALA A 1 -15.24 -14.78 33.98
C ALA A 1 -15.50 -15.08 32.51
N GLU A 2 -14.54 -14.72 31.66
CA GLU A 2 -14.67 -14.96 30.22
C GLU A 2 -13.31 -14.88 29.54
N GLN A 3 -13.24 -15.39 28.31
CA GLN A 3 -12.00 -15.38 27.55
C GLN A 3 -11.95 -14.18 26.60
N ARG A 4 -10.91 -14.12 25.79
CA ARG A 4 -10.75 -13.03 24.84
C ARG A 4 -10.73 -11.67 25.55
N ALA A 5 -9.92 -11.59 26.61
CA ALA A 5 -9.81 -10.36 27.38
C ALA A 5 -8.36 -9.95 27.57
N SER A 6 -7.52 -10.32 26.59
CA SER A 6 -6.10 -10.00 26.65
C SER A 6 -5.83 -8.63 26.06
N PRO A 7 -5.38 -7.68 26.90
CA PRO A 7 -5.08 -6.32 26.48
C PRO A 7 -3.84 -6.24 25.60
N LEU A 8 -2.80 -6.98 25.97
CA LEU A 8 -1.56 -7.00 25.22
C LEU A 8 -1.78 -7.53 23.81
N THR A 9 -2.36 -8.73 23.73
CA THR A 9 -2.63 -9.36 22.44
C THR A 9 -3.47 -8.45 21.54
N SER A 10 -4.26 -7.58 22.17
CA SER A 10 -5.11 -6.65 21.44
C SER A 10 -4.29 -5.51 20.85
N ILE A 11 -3.25 -5.10 21.56
CA ILE A 11 -2.38 -4.03 21.11
C ILE A 11 -1.42 -4.52 20.03
N ILE A 12 -0.88 -5.71 20.22
CA ILE A 12 0.05 -6.30 19.26
C ILE A 12 -0.61 -6.45 17.89
N SER A 13 -1.83 -6.95 17.87
CA SER A 13 -2.57 -7.14 16.63
C SER A 13 -2.89 -5.81 15.97
N ALA A 14 -3.14 -4.80 16.79
CA ALA A 14 -3.46 -3.47 16.30
C ALA A 14 -2.22 -2.78 15.72
N VAL A 15 -1.10 -2.91 16.42
CA VAL A 15 0.15 -2.31 15.99
C VAL A 15 0.58 -2.86 14.63
N VAL A 16 0.70 -4.18 14.54
CA VAL A 16 1.10 -4.83 13.30
C VAL A 16 0.24 -4.38 12.13
N GLY A 17 -1.07 -4.46 12.30
CA GLY A 17 -1.98 -4.04 11.25
C GLY A 17 -1.60 -2.70 10.65
N ILE A 18 -1.46 -1.69 11.50
CA ILE A 18 -1.10 -0.35 11.05
C ILE A 18 0.33 -0.33 10.50
N LEU A 19 1.21 -1.13 11.10
CA LEU A 19 2.59 -1.20 10.68
C LEU A 19 2.70 -1.62 9.21
N LEU A 20 2.02 -2.70 8.85
CA LEU A 20 2.03 -3.19 7.48
C LEU A 20 1.48 -2.15 6.52
N VAL A 21 0.41 -1.48 6.93
CA VAL A 21 -0.21 -0.45 6.11
C VAL A 21 0.69 0.77 5.97
N VAL A 22 1.53 0.98 6.97
CA VAL A 22 2.46 2.11 6.96
C VAL A 22 3.62 1.87 6.00
N VAL A 23 4.31 0.75 6.19
CA VAL A 23 5.44 0.40 5.33
C VAL A 23 5.07 0.52 3.86
N LEU A 24 3.93 -0.05 3.50
CA LEU A 24 3.46 -0.01 2.11
C LEU A 24 3.28 1.44 1.64
N GLY A 25 2.55 2.22 2.42
CA GLY A 25 2.32 3.61 2.07
C GLY A 25 3.59 4.32 1.64
N VAL A 26 4.69 4.02 2.32
CA VAL A 26 5.98 4.63 2.00
C VAL A 26 6.52 4.12 0.66
N VAL A 27 6.33 2.82 0.42
CA VAL A 27 6.79 2.21 -0.82
C VAL A 27 5.99 2.71 -2.02
N PHE A 28 4.68 2.78 -1.85
CA PHE A 28 3.80 3.24 -2.91
C PHE A 28 4.13 4.68 -3.31
N GLY A 29 4.19 5.56 -2.32
CA GLY A 29 4.49 6.96 -2.59
C GLY A 29 5.84 7.13 -3.28
N ILE A 30 6.82 6.34 -2.86
CA ILE A 30 8.16 6.41 -3.45
C ILE A 30 8.12 6.16 -4.94
N LEU A 31 7.43 5.10 -5.34
CA LEU A 31 7.31 4.74 -6.75
C LEU A 31 6.68 5.87 -7.55
N ILE A 32 5.64 6.47 -6.99
CA ILE A 32 4.95 7.58 -7.65
C ILE A 32 5.90 8.74 -7.90
N LYS A 33 6.59 9.16 -6.85
CA LYS A 33 7.54 10.27 -6.95
C LYS A 33 8.57 10.02 -8.04
N ARG A 34 9.14 8.82 -8.04
CA ARG A 34 10.15 8.45 -9.03
C ARG A 34 9.50 8.26 -10.40
N ARG A 35 8.17 8.24 -10.43
CA ARG A 35 7.45 8.07 -11.68
C ARG A 35 7.08 9.42 -12.28
N GLN A 36 6.62 10.33 -11.45
CA GLN A 36 6.24 11.67 -11.90
C GLN A 36 7.37 12.32 -12.69
N GLN A 37 7.25 12.32 -14.01
CA GLN A 37 8.26 12.91 -14.87
C GLN A 37 7.70 14.09 -15.65
N LYS A 38 6.48 13.94 -16.15
CA LYS A 38 5.82 15.00 -16.91
C LYS A 38 4.31 14.95 -16.71
N ILE A 39 3.61 15.96 -17.23
CA ILE A 39 2.18 16.04 -17.10
C ILE A 39 1.51 14.73 -17.53
N ARG A 40 1.04 13.96 -16.55
CA ARG A 40 0.39 12.69 -16.83
C ARG A 40 -1.06 12.71 -16.37
N LYS A 41 -1.61 13.91 -16.22
CA LYS A 41 -2.99 14.08 -15.79
C LYS A 41 -3.96 13.70 -16.90
N TYR A 42 -3.67 14.13 -18.13
CA TYR A 42 -4.51 13.84 -19.27
C TYR A 42 -4.78 12.34 -19.38
N THR A 43 -3.80 11.54 -18.98
CA THR A 43 -3.93 10.08 -19.04
C THR A 43 -5.16 9.61 -18.26
N MET A 44 -5.20 9.93 -16.98
CA MET A 44 -6.32 9.54 -16.12
C MET A 44 -7.64 9.96 -16.75
N ARG A 45 -7.67 11.16 -17.33
CA ARG A 45 -8.88 11.67 -17.97
C ARG A 45 -9.42 10.69 -18.99
N ARG A 46 -8.51 9.96 -19.64
CA ARG A 46 -8.91 8.98 -20.65
C ARG A 46 -9.30 7.66 -19.99
N LEU A 47 -8.65 7.33 -18.89
CA LEU A 47 -8.93 6.10 -18.16
C LEU A 47 -10.37 6.10 -17.62
N LEU A 48 -10.83 7.27 -17.20
CA LEU A 48 -12.18 7.40 -16.67
C LEU A 48 -13.21 6.93 -17.68
N GLN A 49 -12.85 6.98 -18.96
CA GLN A 49 -13.74 6.56 -20.03
C GLN A 49 -13.68 5.04 -20.23
N GLU A 50 -12.57 4.44 -19.79
CA GLU A 50 -12.39 3.00 -19.92
C GLU A 50 -13.26 2.24 -18.93
N THR A 51 -13.63 2.91 -17.84
CA THR A 51 -14.47 2.30 -16.82
C THR A 51 -15.72 1.68 -17.43
N GLU A 52 -16.18 2.26 -18.54
CA GLU A 52 -17.38 1.77 -19.21
C GLU A 52 -17.24 0.29 -19.53
N LEU A 53 -16.00 -0.18 -19.70
CA LEU A 53 -15.74 -1.58 -20.01
C LEU A 53 -15.95 -2.45 -18.78
N VAL A 54 -15.73 -1.88 -17.60
CA VAL A 54 -15.90 -2.62 -16.35
C VAL A 54 -17.05 -2.04 -15.53
N GLU A 55 -17.97 -1.36 -16.21
CA GLU A 55 -19.12 -0.76 -15.53
C GLU A 55 -20.25 -1.77 -15.37
N PRO A 56 -21.19 -1.48 -14.46
CA PRO A 56 -22.33 -2.34 -14.18
C PRO A 56 -23.33 -2.39 -15.35
N LEU A 57 -24.25 -3.34 -15.30
CA LEU A 57 -25.26 -3.48 -16.34
C LEU A 57 -26.31 -2.39 -16.24
N GLY A 58 -27.02 -2.35 -15.11
CA GLY A 58 -28.04 -1.35 -14.90
C GLY A 58 -27.49 -0.06 -14.34
N ALA B 1 11.48 -16.76 37.87
CA ALA B 1 12.29 -15.59 38.20
C ALA B 1 11.50 -14.31 37.98
N GLU B 2 11.21 -14.01 36.71
CA GLU B 2 10.48 -12.80 36.36
C GLU B 2 9.46 -13.08 35.25
N GLN B 3 8.79 -12.04 34.79
CA GLN B 3 7.80 -12.18 33.73
C GLN B 3 8.46 -12.48 32.39
N ARG B 4 9.73 -12.11 32.27
CA ARG B 4 10.48 -12.33 31.04
C ARG B 4 10.39 -13.79 30.61
N ALA B 5 10.91 -14.10 29.42
CA ALA B 5 10.90 -15.45 28.91
C ALA B 5 9.53 -15.81 28.33
N SER B 6 8.93 -14.85 27.62
CA SER B 6 7.61 -15.05 27.02
C SER B 6 7.74 -15.72 25.65
N PRO B 7 7.25 -16.96 25.55
CA PRO B 7 7.30 -17.72 24.29
C PRO B 7 6.36 -17.16 23.24
N LEU B 8 5.15 -16.80 23.65
CA LEU B 8 4.16 -16.25 22.75
C LEU B 8 4.65 -14.93 22.14
N THR B 9 5.04 -13.99 22.99
CA THR B 9 5.52 -12.70 22.54
C THR B 9 6.68 -12.86 21.56
N SER B 10 7.44 -13.94 21.72
CA SER B 10 8.58 -14.21 20.86
C SER B 10 8.12 -14.67 19.48
N ILE B 11 7.02 -15.41 19.45
CA ILE B 11 6.47 -15.91 18.19
C ILE B 11 5.76 -14.81 17.43
N ILE B 12 5.01 -13.97 18.15
CA ILE B 12 4.28 -12.87 17.54
C ILE B 12 5.22 -11.92 16.82
N SER B 13 6.35 -11.62 17.45
CA SER B 13 7.33 -10.72 16.87
C SER B 13 7.98 -11.34 15.64
N ALA B 14 8.19 -12.65 15.69
CA ALA B 14 8.81 -13.37 14.58
C ALA B 14 7.85 -13.47 13.40
N VAL B 15 6.59 -13.78 13.69
CA VAL B 15 5.57 -13.91 12.65
C VAL B 15 5.41 -12.61 11.87
N VAL B 16 5.14 -11.53 12.58
CA VAL B 16 4.97 -10.22 11.95
C VAL B 16 6.14 -9.89 11.03
N GLY B 17 7.36 -9.99 11.56
CA GLY B 17 8.54 -9.71 10.76
C GLY B 17 8.48 -10.36 9.40
N ILE B 18 8.28 -11.67 9.37
CA ILE B 18 8.22 -12.40 8.12
C ILE B 18 6.98 -12.00 7.31
N LEU B 19 5.90 -11.70 8.01
CA LEU B 19 4.65 -11.30 7.37
C LEU B 19 4.86 -10.06 6.51
N LEU B 20 5.45 -9.03 7.10
CA LEU B 20 5.72 -7.79 6.39
C LEU B 20 6.60 -8.03 5.17
N VAL B 21 7.62 -8.87 5.34
CA VAL B 21 8.54 -9.18 4.26
C VAL B 21 7.85 -10.00 3.17
N VAL B 22 6.81 -10.74 3.56
CA VAL B 22 6.06 -11.57 2.62
C VAL B 22 5.11 -10.71 1.78
N VAL B 23 4.28 -9.92 2.45
CA VAL B 23 3.34 -9.05 1.76
C VAL B 23 4.02 -8.24 0.67
N LEU B 24 5.15 -7.63 1.01
CA LEU B 24 5.91 -6.82 0.06
C LEU B 24 6.40 -7.67 -1.10
N GLY B 25 7.09 -8.76 -0.78
CA GLY B 25 7.60 -9.65 -1.82
C GLY B 25 6.58 -9.92 -2.91
N VAL B 26 5.32 -10.06 -2.52
CA VAL B 26 4.24 -10.33 -3.46
C VAL B 26 3.92 -9.08 -4.29
N VAL B 27 3.90 -7.94 -3.63
CA VAL B 27 3.61 -6.68 -4.31
C VAL B 27 4.71 -6.33 -5.31
N PHE B 28 5.96 -6.47 -4.88
CA PHE B 28 7.11 -6.17 -5.74
C PHE B 28 7.08 -7.03 -6.99
N GLY B 29 6.98 -8.35 -6.81
CA GLY B 29 6.96 -9.26 -7.94
C GLY B 29 5.78 -9.01 -8.85
N ILE B 30 4.64 -8.65 -8.27
CA ILE B 30 3.43 -8.38 -9.04
C ILE B 30 3.68 -7.29 -10.07
N LEU B 31 4.22 -6.16 -9.62
CA LEU B 31 4.50 -5.04 -10.52
C LEU B 31 5.47 -5.45 -11.62
N ILE B 32 6.56 -6.10 -11.22
CA ILE B 32 7.57 -6.55 -12.19
C ILE B 32 6.94 -7.44 -13.26
N LYS B 33 6.18 -8.43 -12.82
CA LYS B 33 5.52 -9.35 -13.75
C LYS B 33 4.66 -8.60 -14.75
N ARG B 34 3.91 -7.61 -14.26
CA ARG B 34 3.05 -6.81 -15.12
C ARG B 34 3.87 -5.87 -15.99
N ARG B 35 5.11 -5.62 -15.58
CA ARG B 35 6.00 -4.73 -16.31
C ARG B 35 6.72 -5.49 -17.43
N GLN B 36 7.09 -6.73 -17.15
CA GLN B 36 7.79 -7.56 -18.13
C GLN B 36 6.98 -7.68 -19.42
N GLN B 37 7.54 -8.39 -20.39
CA GLN B 37 6.87 -8.56 -21.68
C GLN B 37 5.44 -9.09 -21.48
N LYS B 38 5.24 -9.81 -20.39
CA LYS B 38 3.92 -10.37 -20.07
C LYS B 38 3.07 -9.36 -19.30
N ILE B 39 2.11 -8.75 -19.98
CA ILE B 39 1.24 -7.77 -19.36
C ILE B 39 0.21 -8.45 -18.47
N ARG B 40 -0.10 -7.83 -17.33
CA ARG B 40 -1.07 -8.36 -16.39
C ARG B 40 -2.30 -7.46 -16.30
N LYS B 41 -2.30 -6.38 -17.07
CA LYS B 41 -3.42 -5.45 -17.08
C LYS B 41 -3.73 -4.98 -15.67
N TYR B 42 -2.72 -4.92 -14.82
CA TYR B 42 -2.90 -4.50 -13.44
C TYR B 42 -2.88 -2.97 -13.33
N THR B 43 -2.41 -2.32 -14.39
CA THR B 43 -2.35 -0.87 -14.42
C THR B 43 -3.70 -0.25 -14.09
N MET B 44 -4.69 -0.53 -14.94
CA MET B 44 -6.03 0.01 -14.74
C MET B 44 -6.52 -0.27 -13.32
N ARG B 45 -6.24 -1.46 -12.82
CA ARG B 45 -6.65 -1.84 -11.48
C ARG B 45 -6.17 -0.82 -10.45
N ARG B 46 -5.01 -0.23 -10.70
CA ARG B 46 -4.44 0.76 -9.80
C ARG B 46 -5.04 2.13 -10.05
N LEU B 47 -5.37 2.41 -11.31
CA LEU B 47 -5.95 3.69 -11.69
C LEU B 47 -7.30 3.89 -11.01
N LEU B 48 -8.06 2.80 -10.88
CA LEU B 48 -9.37 2.86 -10.24
C LEU B 48 -9.27 3.43 -8.83
N GLN B 49 -8.09 3.27 -8.22
CA GLN B 49 -7.86 3.77 -6.87
C GLN B 49 -7.47 5.25 -6.89
N GLU B 50 -6.98 5.71 -8.03
CA GLU B 50 -6.58 7.11 -8.18
C GLU B 50 -7.79 8.01 -8.28
N THR B 51 -8.91 7.45 -8.70
CA THR B 51 -10.15 8.22 -8.84
C THR B 51 -10.47 8.97 -7.56
N GLU B 52 -10.05 8.42 -6.43
CA GLU B 52 -10.30 9.05 -5.14
C GLU B 52 -9.77 10.48 -5.11
N LEU B 53 -8.75 10.73 -5.93
CA LEU B 53 -8.15 12.07 -6.00
C LEU B 53 -9.05 13.03 -6.76
N VAL B 54 -9.85 12.49 -7.68
CA VAL B 54 -10.76 13.32 -8.47
C VAL B 54 -12.21 12.98 -8.15
N GLU B 55 -12.45 12.41 -6.97
CA GLU B 55 -13.79 12.04 -6.55
C GLU B 55 -14.10 12.63 -5.17
N PRO B 56 -14.24 13.96 -5.11
CA PRO B 56 -14.54 14.67 -3.88
C PRO B 56 -15.97 14.42 -3.39
N LEU B 57 -16.27 14.86 -2.18
CA LEU B 57 -17.60 14.68 -1.62
C LEU B 57 -18.34 16.01 -1.53
N GLY B 58 -17.60 17.08 -1.25
CA GLY B 58 -18.20 18.39 -1.15
C GLY B 58 -17.73 19.15 0.08
N ALA A 1 -13.69 -15.16 34.33
CA ALA A 1 -15.11 -15.04 34.02
C ALA A 1 -15.38 -15.35 32.56
N GLU A 2 -14.45 -14.97 31.69
CA GLU A 2 -14.59 -15.20 30.25
C GLU A 2 -13.23 -15.14 29.56
N GLN A 3 -13.21 -15.54 28.29
CA GLN A 3 -11.98 -15.53 27.51
C GLN A 3 -11.93 -14.32 26.59
N ARG A 4 -10.85 -14.22 25.82
CA ARG A 4 -10.67 -13.10 24.89
C ARG A 4 -10.69 -11.76 25.64
N ALA A 5 -9.84 -11.65 26.65
CA ALA A 5 -9.77 -10.43 27.44
C ALA A 5 -8.31 -9.99 27.63
N SER A 6 -7.48 -10.29 26.64
CA SER A 6 -6.06 -9.93 26.69
C SER A 6 -5.83 -8.55 26.10
N PRO A 7 -5.41 -7.60 26.94
CA PRO A 7 -5.13 -6.22 26.52
C PRO A 7 -3.89 -6.12 25.63
N LEU A 8 -2.84 -6.82 26.02
CA LEU A 8 -1.59 -6.81 25.25
C LEU A 8 -1.80 -7.39 23.86
N THR A 9 -2.34 -8.61 23.81
CA THR A 9 -2.60 -9.28 22.53
C THR A 9 -3.43 -8.40 21.61
N SER A 10 -4.26 -7.55 22.21
CA SER A 10 -5.13 -6.65 21.44
C SER A 10 -4.31 -5.52 20.83
N ILE A 11 -3.28 -5.08 21.55
CA ILE A 11 -2.43 -4.00 21.07
C ILE A 11 -1.46 -4.48 20.00
N ILE A 12 -0.91 -5.67 20.22
CA ILE A 12 0.04 -6.26 19.27
C ILE A 12 -0.61 -6.44 17.90
N SER A 13 -1.83 -6.96 17.88
CA SER A 13 -2.55 -7.18 16.64
C SER A 13 -2.88 -5.85 15.95
N ALA A 14 -3.17 -4.84 16.76
CA ALA A 14 -3.50 -3.51 16.25
C ALA A 14 -2.27 -2.81 15.68
N VAL A 15 -1.15 -2.93 16.39
CA VAL A 15 0.09 -2.30 15.96
C VAL A 15 0.54 -2.86 14.61
N VAL A 16 0.68 -4.17 14.53
CA VAL A 16 1.10 -4.82 13.29
C VAL A 16 0.24 -4.37 12.12
N GLY A 17 -1.07 -4.49 12.28
CA GLY A 17 -1.99 -4.10 11.23
C GLY A 17 -1.62 -2.76 10.61
N ILE A 18 -1.50 -1.75 11.45
CA ILE A 18 -1.16 -0.40 10.98
C ILE A 18 0.28 -0.36 10.45
N LEU A 19 1.15 -1.15 11.07
CA LEU A 19 2.55 -1.20 10.66
C LEU A 19 2.67 -1.62 9.19
N LEU A 20 2.00 -2.71 8.84
CA LEU A 20 2.03 -3.21 7.46
C LEU A 20 1.47 -2.18 6.49
N VAL A 21 0.38 -1.54 6.89
CA VAL A 21 -0.26 -0.53 6.06
C VAL A 21 0.61 0.72 5.94
N VAL A 22 1.44 0.95 6.95
CA VAL A 22 2.33 2.11 6.97
C VAL A 22 3.52 1.89 6.04
N VAL A 23 4.21 0.77 6.23
CA VAL A 23 5.38 0.45 5.41
C VAL A 23 5.05 0.56 3.93
N LEU A 24 3.92 -0.03 3.53
CA LEU A 24 3.50 0.00 2.13
C LEU A 24 3.25 1.43 1.67
N GLY A 25 2.44 2.17 2.43
CA GLY A 25 2.14 3.55 2.09
C GLY A 25 3.38 4.33 1.70
N VAL A 26 4.48 4.07 2.40
CA VAL A 26 5.73 4.77 2.12
C VAL A 26 6.35 4.29 0.80
N VAL A 27 6.26 2.99 0.56
CA VAL A 27 6.81 2.40 -0.65
C VAL A 27 6.02 2.85 -1.88
N PHE A 28 4.70 2.84 -1.76
CA PHE A 28 3.83 3.24 -2.85
C PHE A 28 4.09 4.69 -3.26
N GLY A 29 4.07 5.58 -2.27
CA GLY A 29 4.31 6.98 -2.53
C GLY A 29 5.69 7.24 -3.11
N ILE A 30 6.68 6.51 -2.61
CA ILE A 30 8.06 6.66 -3.09
C ILE A 30 8.14 6.46 -4.59
N LEU A 31 7.55 5.37 -5.07
CA LEU A 31 7.56 5.05 -6.49
C LEU A 31 6.88 6.15 -7.30
N ILE A 32 5.69 6.55 -6.85
CA ILE A 32 4.94 7.60 -7.54
C ILE A 32 5.77 8.87 -7.68
N LYS A 33 6.38 9.31 -6.58
CA LYS A 33 7.20 10.50 -6.58
C LYS A 33 8.33 10.39 -7.60
N ARG A 34 8.99 9.24 -7.61
CA ARG A 34 10.10 9.00 -8.54
C ARG A 34 9.57 8.84 -9.97
N ARG A 35 8.27 8.65 -10.10
CA ARG A 35 7.65 8.49 -11.40
C ARG A 35 7.20 9.84 -11.97
N GLN A 36 6.62 10.67 -11.11
CA GLN A 36 6.16 11.99 -11.53
C GLN A 36 7.28 12.78 -12.19
N GLN A 37 7.26 12.83 -13.51
CA GLN A 37 8.28 13.55 -14.26
C GLN A 37 7.66 14.71 -15.06
N LYS A 38 6.49 14.45 -15.65
CA LYS A 38 5.79 15.46 -16.43
C LYS A 38 4.29 15.20 -16.44
N ILE A 39 3.57 15.90 -15.57
CA ILE A 39 2.12 15.74 -15.48
C ILE A 39 1.43 16.45 -16.66
N ARG A 40 1.02 15.66 -17.64
CA ARG A 40 0.33 16.19 -18.82
C ARG A 40 -1.09 15.68 -18.89
N LYS A 41 -1.43 14.72 -18.02
CA LYS A 41 -2.76 14.15 -17.99
C LYS A 41 -3.15 13.61 -19.36
N TYR A 42 -2.17 13.10 -20.09
CA TYR A 42 -2.41 12.55 -21.42
C TYR A 42 -2.32 11.02 -21.41
N THR A 43 -1.74 10.48 -20.34
CA THR A 43 -1.59 9.04 -20.20
C THR A 43 -2.92 8.33 -20.37
N MET A 44 -3.96 8.87 -19.75
CA MET A 44 -5.30 8.29 -19.84
C MET A 44 -6.03 8.78 -21.08
N ARG A 45 -6.03 10.10 -21.27
CA ARG A 45 -6.69 10.70 -22.43
C ARG A 45 -6.24 10.04 -23.72
N ARG A 46 -4.99 9.57 -23.73
CA ARG A 46 -4.43 8.91 -24.91
C ARG A 46 -4.87 7.45 -24.99
N LEU A 47 -5.07 6.84 -23.82
CA LEU A 47 -5.49 5.45 -23.75
C LEU A 47 -6.91 5.27 -24.28
N LEU A 48 -7.66 6.37 -24.31
CA LEU A 48 -9.03 6.35 -24.80
C LEU A 48 -9.09 5.82 -26.23
N GLN A 49 -7.98 5.94 -26.94
CA GLN A 49 -7.91 5.48 -28.33
C GLN A 49 -7.76 3.96 -28.39
N GLU A 50 -7.33 3.37 -27.27
CA GLU A 50 -7.16 1.92 -27.20
C GLU A 50 -8.50 1.21 -27.15
N THR A 51 -9.52 1.91 -26.69
CA THR A 51 -10.86 1.35 -26.60
C THR A 51 -11.32 0.77 -27.93
N GLU A 52 -10.80 1.34 -29.02
CA GLU A 52 -11.15 0.87 -30.35
C GLU A 52 -10.76 -0.58 -30.55
N LEU A 53 -9.86 -1.07 -29.70
CA LEU A 53 -9.40 -2.45 -29.78
C LEU A 53 -10.29 -3.37 -28.95
N VAL A 54 -10.95 -2.80 -27.95
CA VAL A 54 -11.84 -3.56 -27.08
C VAL A 54 -13.28 -3.08 -27.21
N GLU A 55 -13.60 -2.48 -28.35
CA GLU A 55 -14.95 -1.97 -28.59
C GLU A 55 -15.33 -2.10 -30.07
N PRO A 56 -16.63 -2.06 -30.35
CA PRO A 56 -17.16 -2.18 -31.71
C PRO A 56 -16.84 -0.95 -32.56
N LEU A 57 -16.70 -1.15 -33.86
CA LEU A 57 -16.39 -0.06 -34.78
C LEU A 57 -17.67 0.56 -35.33
N GLY A 58 -18.71 -0.26 -35.48
CA GLY A 58 -19.97 0.21 -36.00
C GLY A 58 -20.90 -0.91 -36.40
N ALA B 1 12.52 -16.62 37.74
CA ALA B 1 13.95 -16.92 37.74
C ALA B 1 14.69 -16.03 36.75
N GLU B 2 13.99 -15.57 35.72
CA GLU B 2 14.59 -14.71 34.71
C GLU B 2 13.52 -13.95 33.94
N GLN B 3 13.95 -13.05 33.06
CA GLN B 3 13.03 -12.26 32.26
C GLN B 3 13.12 -12.64 30.78
N ARG B 4 12.48 -11.84 29.93
CA ARG B 4 12.49 -12.10 28.49
C ARG B 4 12.40 -13.59 28.20
N ALA B 5 11.47 -14.26 28.87
CA ALA B 5 11.27 -15.70 28.69
C ALA B 5 9.88 -16.00 28.14
N SER B 6 9.27 -15.01 27.50
CA SER B 6 7.93 -15.16 26.94
C SER B 6 8.00 -15.83 25.57
N PRO B 7 7.45 -17.05 25.48
CA PRO B 7 7.43 -17.82 24.23
C PRO B 7 6.49 -17.23 23.20
N LEU B 8 5.28 -16.86 23.64
CA LEU B 8 4.29 -16.27 22.75
C LEU B 8 4.81 -14.97 22.14
N THR B 9 5.22 -14.05 23.00
CA THR B 9 5.73 -12.76 22.54
C THR B 9 6.86 -12.94 21.54
N SER B 10 7.60 -14.05 21.67
CA SER B 10 8.71 -14.34 20.77
C SER B 10 8.20 -14.77 19.40
N ILE B 11 7.07 -15.47 19.40
CA ILE B 11 6.47 -15.95 18.15
C ILE B 11 5.77 -14.81 17.41
N ILE B 12 5.07 -13.97 18.16
CA ILE B 12 4.35 -12.84 17.58
C ILE B 12 5.30 -11.92 16.83
N SER B 13 6.44 -11.62 17.45
CA SER B 13 7.43 -10.74 16.85
C SER B 13 8.05 -11.38 15.61
N ALA B 14 8.21 -12.70 15.65
CA ALA B 14 8.79 -13.44 14.54
C ALA B 14 7.81 -13.52 13.37
N VAL B 15 6.54 -13.79 13.69
CA VAL B 15 5.51 -13.88 12.66
C VAL B 15 5.38 -12.59 11.88
N VAL B 16 5.14 -11.49 12.59
CA VAL B 16 4.99 -10.18 11.97
C VAL B 16 6.16 -9.88 11.04
N GLY B 17 7.38 -10.02 11.56
CA GLY B 17 8.56 -9.76 10.77
C GLY B 17 8.49 -10.39 9.39
N ILE B 18 8.25 -11.70 9.37
CA ILE B 18 8.16 -12.43 8.10
C ILE B 18 6.92 -12.01 7.32
N LEU B 19 5.85 -11.68 8.04
CA LEU B 19 4.60 -11.27 7.40
C LEU B 19 4.82 -10.03 6.54
N LEU B 20 5.45 -9.01 7.12
CA LEU B 20 5.73 -7.77 6.40
C LEU B 20 6.61 -8.04 5.17
N VAL B 21 7.62 -8.88 5.36
CA VAL B 21 8.54 -9.21 4.27
C VAL B 21 7.84 -10.03 3.19
N VAL B 22 6.81 -10.76 3.60
CA VAL B 22 6.05 -11.60 2.66
C VAL B 22 5.13 -10.74 1.80
N VAL B 23 4.30 -9.93 2.45
CA VAL B 23 3.37 -9.06 1.74
C VAL B 23 4.08 -8.25 0.65
N LEU B 24 5.21 -7.66 1.01
CA LEU B 24 5.98 -6.87 0.07
C LEU B 24 6.44 -7.73 -1.12
N GLY B 25 7.07 -8.86 -0.82
CA GLY B 25 7.54 -9.74 -1.86
C GLY B 25 6.50 -9.97 -2.94
N VAL B 26 5.24 -10.09 -2.54
CA VAL B 26 4.14 -10.31 -3.48
C VAL B 26 3.87 -9.06 -4.31
N VAL B 27 3.93 -7.90 -3.65
CA VAL B 27 3.69 -6.64 -4.33
C VAL B 27 4.80 -6.32 -5.34
N PHE B 28 6.04 -6.54 -4.91
CA PHE B 28 7.19 -6.28 -5.77
C PHE B 28 7.13 -7.14 -7.02
N GLY B 29 6.96 -8.44 -6.84
CA GLY B 29 6.89 -9.35 -7.97
C GLY B 29 5.74 -9.04 -8.90
N ILE B 30 4.61 -8.65 -8.33
CA ILE B 30 3.43 -8.30 -9.12
C ILE B 30 3.73 -7.21 -10.12
N LEU B 31 4.37 -6.14 -9.65
CA LEU B 31 4.73 -5.01 -10.51
C LEU B 31 5.66 -5.47 -11.63
N ILE B 32 6.69 -6.24 -11.27
CA ILE B 32 7.65 -6.74 -12.24
C ILE B 32 6.96 -7.54 -13.34
N LYS B 33 6.09 -8.46 -12.93
CA LYS B 33 5.35 -9.30 -13.87
C LYS B 33 4.55 -8.45 -14.85
N ARG B 34 3.85 -7.44 -14.33
CA ARG B 34 3.05 -6.55 -15.16
C ARG B 34 3.93 -5.60 -15.94
N ARG B 35 5.23 -5.60 -15.63
CA ARG B 35 6.18 -4.74 -16.31
C ARG B 35 6.90 -5.48 -17.44
N GLN B 36 7.02 -6.79 -17.28
CA GLN B 36 7.69 -7.62 -18.28
C GLN B 36 6.82 -7.77 -19.52
N GLN B 37 5.59 -7.26 -19.44
CA GLN B 37 4.66 -7.34 -20.56
C GLN B 37 4.24 -8.79 -20.83
N LYS B 38 3.76 -9.46 -19.78
CA LYS B 38 3.33 -10.85 -19.90
C LYS B 38 1.81 -10.95 -19.80
N ILE B 39 1.18 -9.89 -19.32
CA ILE B 39 -0.27 -9.86 -19.18
C ILE B 39 -0.93 -9.32 -20.44
N ARG B 40 -2.27 -9.33 -20.45
CA ARG B 40 -3.02 -8.83 -21.59
C ARG B 40 -3.28 -7.34 -21.46
N LYS B 41 -2.43 -6.67 -20.70
CA LYS B 41 -2.56 -5.23 -20.50
C LYS B 41 -3.86 -4.89 -19.77
N TYR B 42 -4.09 -5.57 -18.66
CA TYR B 42 -5.30 -5.36 -17.87
C TYR B 42 -5.35 -3.93 -17.33
N THR B 43 -4.18 -3.31 -17.22
CA THR B 43 -4.08 -1.94 -16.71
C THR B 43 -5.00 -1.01 -17.49
N MET B 44 -5.08 -1.21 -18.80
CA MET B 44 -5.93 -0.39 -19.65
C MET B 44 -7.39 -0.80 -19.52
N ARG B 45 -7.66 -2.09 -19.69
CA ARG B 45 -9.01 -2.61 -19.60
C ARG B 45 -9.68 -2.16 -18.30
N ARG B 46 -8.87 -1.98 -17.26
CA ARG B 46 -9.39 -1.56 -15.96
C ARG B 46 -9.58 -0.05 -15.92
N LEU B 47 -8.76 0.67 -16.67
CA LEU B 47 -8.84 2.13 -16.72
C LEU B 47 -10.13 2.58 -17.39
N LEU B 48 -10.74 1.67 -18.15
CA LEU B 48 -11.98 1.96 -18.85
C LEU B 48 -13.07 2.43 -17.87
N GLN B 49 -12.92 2.03 -16.61
CA GLN B 49 -13.88 2.40 -15.58
C GLN B 49 -13.69 3.85 -15.15
N GLU B 50 -12.51 4.40 -15.44
CA GLU B 50 -12.20 5.78 -15.08
C GLU B 50 -12.92 6.76 -16.00
N THR B 51 -13.28 6.28 -17.19
CA THR B 51 -13.97 7.12 -18.16
C THR B 51 -15.23 7.74 -17.56
N GLU B 52 -15.81 7.06 -16.58
CA GLU B 52 -17.02 7.56 -15.93
C GLU B 52 -16.74 8.88 -15.22
N LEU B 53 -15.47 9.17 -14.98
CA LEU B 53 -15.09 10.41 -14.31
C LEU B 53 -14.85 11.52 -15.32
N VAL B 54 -14.53 11.14 -16.55
CA VAL B 54 -14.29 12.12 -17.61
C VAL B 54 -15.32 12.00 -18.72
N GLU B 55 -16.47 11.40 -18.40
CA GLU B 55 -17.54 11.23 -19.36
C GLU B 55 -17.88 12.55 -20.05
N PRO B 56 -18.51 12.45 -21.23
CA PRO B 56 -18.90 13.63 -22.01
C PRO B 56 -20.03 14.42 -21.35
N LEU B 57 -19.85 15.72 -21.24
CA LEU B 57 -20.85 16.59 -20.62
C LEU B 57 -21.52 17.47 -21.67
N GLY B 58 -22.47 18.30 -21.23
CA GLY B 58 -23.16 19.18 -22.14
C GLY B 58 -23.91 20.28 -21.42
N ALA A 1 -13.70 -15.00 34.33
CA ALA A 1 -15.11 -14.83 34.00
C ALA A 1 -15.31 -14.78 32.49
N GLU A 2 -14.24 -14.51 31.76
CA GLU A 2 -14.30 -14.42 30.31
C GLU A 2 -13.32 -15.39 29.66
N GLN A 3 -13.10 -15.22 28.36
CA GLN A 3 -12.18 -16.08 27.62
C GLN A 3 -10.96 -15.30 27.15
N ARG A 4 -11.20 -14.35 26.24
CA ARG A 4 -10.13 -13.52 25.70
C ARG A 4 -10.17 -12.12 26.28
N ALA A 5 -9.24 -11.82 27.16
CA ALA A 5 -9.18 -10.50 27.80
C ALA A 5 -7.74 -10.02 27.92
N SER A 6 -6.91 -10.35 26.93
CA SER A 6 -5.51 -9.96 26.93
C SER A 6 -5.33 -8.58 26.31
N PRO A 7 -4.91 -7.61 27.13
CA PRO A 7 -4.69 -6.23 26.69
C PRO A 7 -3.48 -6.11 25.77
N LEU A 8 -2.41 -6.82 26.10
CA LEU A 8 -1.19 -6.78 25.30
C LEU A 8 -1.43 -7.37 23.91
N THR A 9 -1.95 -8.60 23.88
CA THR A 9 -2.22 -9.28 22.61
C THR A 9 -3.12 -8.42 21.72
N SER A 10 -3.94 -7.58 22.35
CA SER A 10 -4.85 -6.71 21.60
C SER A 10 -4.09 -5.56 20.96
N ILE A 11 -3.05 -5.08 21.64
CA ILE A 11 -2.24 -3.99 21.12
C ILE A 11 -1.29 -4.47 20.04
N ILE A 12 -0.71 -5.64 20.25
CA ILE A 12 0.23 -6.22 19.29
C ILE A 12 -0.44 -6.43 17.93
N SER A 13 -1.67 -6.94 17.96
CA SER A 13 -2.43 -7.18 16.73
C SER A 13 -2.79 -5.87 16.04
N ALA A 14 -3.08 -4.86 16.84
CA ALA A 14 -3.45 -3.55 16.30
C ALA A 14 -2.24 -2.84 15.71
N VAL A 15 -1.12 -2.91 16.41
CA VAL A 15 0.11 -2.26 15.95
C VAL A 15 0.54 -2.83 14.60
N VAL A 16 0.68 -4.15 14.53
CA VAL A 16 1.09 -4.82 13.30
C VAL A 16 0.21 -4.39 12.13
N GLY A 17 -1.09 -4.54 12.28
CA GLY A 17 -2.01 -4.15 11.22
C GLY A 17 -1.67 -2.81 10.62
N ILE A 18 -1.55 -1.79 11.46
CA ILE A 18 -1.22 -0.45 10.99
C ILE A 18 0.20 -0.40 10.45
N LEU A 19 1.09 -1.17 11.06
CA LEU A 19 2.49 -1.21 10.65
C LEU A 19 2.61 -1.62 9.18
N LEU A 20 1.96 -2.73 8.83
CA LEU A 20 1.99 -3.23 7.47
C LEU A 20 1.43 -2.21 6.48
N VAL A 21 0.32 -1.57 6.88
CA VAL A 21 -0.32 -0.57 6.04
C VAL A 21 0.55 0.69 5.92
N VAL A 22 1.38 0.92 6.94
CA VAL A 22 2.26 2.08 6.95
C VAL A 22 3.45 1.86 6.02
N VAL A 23 4.16 0.76 6.22
CA VAL A 23 5.32 0.44 5.41
C VAL A 23 5.00 0.54 3.92
N LEU A 24 3.89 -0.06 3.53
CA LEU A 24 3.47 -0.03 2.13
C LEU A 24 3.25 1.40 1.65
N GLY A 25 2.45 2.15 2.40
CA GLY A 25 2.18 3.54 2.04
C GLY A 25 3.43 4.29 1.66
N VAL A 26 4.51 4.04 2.38
CA VAL A 26 5.78 4.71 2.12
C VAL A 26 6.40 4.23 0.81
N VAL A 27 6.29 2.93 0.55
CA VAL A 27 6.82 2.35 -0.67
C VAL A 27 6.05 2.83 -1.90
N PHE A 28 4.73 2.86 -1.78
CA PHE A 28 3.88 3.30 -2.88
C PHE A 28 4.18 4.76 -3.25
N GLY A 29 4.15 5.63 -2.25
CA GLY A 29 4.41 7.04 -2.48
C GLY A 29 5.79 7.28 -3.09
N ILE A 30 6.80 6.61 -2.54
CA ILE A 30 8.15 6.76 -3.02
C ILE A 30 8.23 6.51 -4.53
N LEU A 31 7.62 5.43 -4.98
CA LEU A 31 7.61 5.08 -6.39
C LEU A 31 6.98 6.20 -7.23
N ILE A 32 5.85 6.72 -6.76
CA ILE A 32 5.16 7.79 -7.45
C ILE A 32 6.06 9.01 -7.62
N LYS A 33 6.70 9.42 -6.54
CA LYS A 33 7.60 10.56 -6.56
C LYS A 33 8.74 10.35 -7.57
N ARG A 34 9.30 9.14 -7.56
CA ARG A 34 10.40 8.81 -8.47
C ARG A 34 9.87 8.60 -9.90
N ARG A 35 8.56 8.63 -10.05
CA ARG A 35 7.93 8.44 -11.35
C ARG A 35 7.53 9.78 -11.96
N GLN A 36 6.95 10.65 -11.15
CA GLN A 36 6.53 11.97 -11.60
C GLN A 36 7.68 12.70 -12.30
N GLN A 37 7.63 12.75 -13.63
CA GLN A 37 8.67 13.41 -14.41
C GLN A 37 8.21 14.80 -14.84
N LYS A 38 7.22 14.84 -15.72
CA LYS A 38 6.69 16.11 -16.22
C LYS A 38 5.30 16.37 -15.66
N ILE A 39 4.86 17.62 -15.75
CA ILE A 39 3.54 18.00 -15.26
C ILE A 39 2.44 17.21 -15.96
N ARG A 40 1.99 16.14 -15.30
CA ARG A 40 0.93 15.30 -15.85
C ARG A 40 -0.41 15.62 -15.22
N LYS A 41 -0.52 16.81 -14.65
CA LYS A 41 -1.76 17.25 -14.01
C LYS A 41 -2.86 17.47 -15.04
N TYR A 42 -2.46 17.75 -16.27
CA TYR A 42 -3.41 17.99 -17.35
C TYR A 42 -3.43 16.82 -18.32
N THR A 43 -2.34 16.06 -18.35
CA THR A 43 -2.22 14.92 -19.24
C THR A 43 -3.40 13.96 -19.06
N MET A 44 -3.56 13.47 -17.83
CA MET A 44 -4.64 12.54 -17.52
C MET A 44 -6.00 13.18 -17.82
N ARG A 45 -6.12 14.47 -17.53
CA ARG A 45 -7.37 15.19 -17.78
C ARG A 45 -7.82 15.03 -19.22
N ARG A 46 -6.85 15.01 -20.13
CA ARG A 46 -7.15 14.87 -21.55
C ARG A 46 -7.56 13.44 -21.89
N LEU A 47 -7.11 12.49 -21.07
CA LEU A 47 -7.44 11.08 -21.28
C LEU A 47 -8.86 10.78 -20.84
N LEU A 48 -9.37 11.58 -19.90
CA LEU A 48 -10.73 11.41 -19.40
C LEU A 48 -11.76 11.58 -20.51
N GLN A 49 -11.38 12.34 -21.54
CA GLN A 49 -12.27 12.58 -22.67
C GLN A 49 -12.19 11.44 -23.68
N GLU A 50 -11.10 10.67 -23.61
CA GLU A 50 -10.90 9.55 -24.53
C GLU A 50 -11.79 8.37 -24.15
N THR A 51 -12.19 8.34 -22.88
CA THR A 51 -13.05 7.27 -22.38
C THR A 51 -14.27 7.07 -23.28
N GLU A 52 -14.71 8.15 -23.91
CA GLU A 52 -15.87 8.10 -24.79
C GLU A 52 -15.69 7.02 -25.85
N LEU A 53 -14.43 6.74 -26.20
CA LEU A 53 -14.12 5.73 -27.21
C LEU A 53 -14.37 4.32 -26.67
N VAL A 54 -14.17 4.15 -25.37
CA VAL A 54 -14.37 2.86 -24.72
C VAL A 54 -15.55 2.91 -23.76
N GLU A 55 -16.47 3.84 -24.00
CA GLU A 55 -17.65 3.98 -23.16
C GLU A 55 -18.77 3.05 -23.62
N PRO A 56 -19.74 2.81 -22.74
CA PRO A 56 -20.89 1.94 -23.04
C PRO A 56 -21.84 2.56 -24.05
N LEU A 57 -22.68 1.73 -24.66
CA LEU A 57 -23.64 2.19 -25.66
C LEU A 57 -25.06 1.80 -25.27
N GLY A 58 -26.03 2.54 -25.79
CA GLY A 58 -27.42 2.24 -25.50
C GLY A 58 -28.19 1.77 -26.72
N ALA B 1 12.37 -16.31 37.88
CA ALA B 1 13.77 -16.54 37.56
C ALA B 1 14.40 -15.31 36.92
N GLU B 2 13.89 -14.92 35.76
CA GLU B 2 14.41 -13.76 35.05
C GLU B 2 13.34 -13.17 34.13
N GLN B 3 13.71 -12.11 33.42
CA GLN B 3 12.79 -11.45 32.50
C GLN B 3 13.02 -11.93 31.06
N ARG B 4 12.09 -11.56 30.17
CA ARG B 4 12.19 -11.96 28.78
C ARG B 4 12.09 -13.47 28.62
N ALA B 5 10.95 -14.02 29.04
CA ALA B 5 10.72 -15.46 28.95
C ALA B 5 9.32 -15.76 28.41
N SER B 6 8.83 -14.90 27.53
CA SER B 6 7.51 -15.07 26.95
C SER B 6 7.60 -15.77 25.59
N PRO B 7 7.05 -16.99 25.52
CA PRO B 7 7.05 -17.79 24.29
C PRO B 7 6.13 -17.21 23.22
N LEU B 8 4.96 -16.74 23.64
CA LEU B 8 3.99 -16.17 22.72
C LEU B 8 4.53 -14.89 22.09
N THR B 9 4.94 -13.94 22.95
CA THR B 9 5.49 -12.68 22.48
C THR B 9 6.64 -12.89 21.50
N SER B 10 7.32 -14.02 21.66
CA SER B 10 8.46 -14.34 20.79
C SER B 10 7.98 -14.78 19.41
N ILE B 11 6.84 -15.48 19.39
CA ILE B 11 6.28 -15.96 18.12
C ILE B 11 5.59 -14.82 17.37
N ILE B 12 4.88 -13.98 18.10
CA ILE B 12 4.17 -12.85 17.50
C ILE B 12 5.14 -11.92 16.79
N SER B 13 6.29 -11.66 17.42
CA SER B 13 7.29 -10.77 16.84
C SER B 13 7.93 -11.42 15.62
N ALA B 14 8.09 -12.73 15.65
CA ALA B 14 8.69 -13.48 14.55
C ALA B 14 7.74 -13.55 13.36
N VAL B 15 6.47 -13.83 13.64
CA VAL B 15 5.46 -13.92 12.59
C VAL B 15 5.33 -12.62 11.82
N VAL B 16 5.11 -11.53 12.55
CA VAL B 16 4.96 -10.21 11.95
C VAL B 16 6.15 -9.90 11.02
N GLY B 17 7.36 -10.00 11.56
CA GLY B 17 8.54 -9.74 10.78
C GLY B 17 8.48 -10.37 9.40
N ILE B 18 8.25 -11.68 9.36
CA ILE B 18 8.17 -12.41 8.10
C ILE B 18 6.93 -11.99 7.31
N LEU B 19 5.86 -11.67 8.02
CA LEU B 19 4.61 -11.26 7.38
C LEU B 19 4.83 -10.02 6.52
N LEU B 20 5.46 -9.00 7.11
CA LEU B 20 5.73 -7.76 6.39
C LEU B 20 6.62 -8.02 5.18
N VAL B 21 7.64 -8.85 5.36
CA VAL B 21 8.56 -9.18 4.28
C VAL B 21 7.87 -9.99 3.19
N VAL B 22 6.83 -10.73 3.58
CA VAL B 22 6.08 -11.56 2.64
C VAL B 22 5.16 -10.70 1.78
N VAL B 23 4.32 -9.90 2.42
CA VAL B 23 3.39 -9.04 1.71
C VAL B 23 4.11 -8.23 0.63
N LEU B 24 5.22 -7.62 1.00
CA LEU B 24 6.00 -6.82 0.07
C LEU B 24 6.48 -7.67 -1.11
N GLY B 25 7.13 -8.78 -0.80
CA GLY B 25 7.62 -9.66 -1.84
C GLY B 25 6.59 -9.91 -2.93
N VAL B 26 5.34 -10.07 -2.52
CA VAL B 26 4.26 -10.32 -3.47
C VAL B 26 3.97 -9.08 -4.32
N VAL B 27 4.01 -7.92 -3.69
CA VAL B 27 3.75 -6.67 -4.37
C VAL B 27 4.86 -6.36 -5.38
N PHE B 28 6.11 -6.55 -4.95
CA PHE B 28 7.25 -6.29 -5.82
C PHE B 28 7.24 -7.21 -7.04
N GLY B 29 7.06 -8.51 -6.79
CA GLY B 29 7.02 -9.47 -7.87
C GLY B 29 5.89 -9.22 -8.85
N ILE B 30 4.69 -8.97 -8.29
CA ILE B 30 3.52 -8.71 -9.12
C ILE B 30 3.79 -7.60 -10.13
N LEU B 31 4.34 -6.50 -9.66
CA LEU B 31 4.66 -5.37 -10.53
C LEU B 31 5.61 -5.78 -11.65
N ILE B 32 6.70 -6.43 -11.28
CA ILE B 32 7.68 -6.88 -12.25
C ILE B 32 7.03 -7.74 -13.33
N LYS B 33 6.26 -8.74 -12.89
CA LYS B 33 5.58 -9.63 -13.83
C LYS B 33 4.71 -8.84 -14.81
N ARG B 34 3.95 -7.88 -14.28
CA ARG B 34 3.08 -7.06 -15.11
C ARG B 34 3.90 -6.13 -15.99
N ARG B 35 5.16 -5.93 -15.63
CA ARG B 35 6.05 -5.06 -16.38
C ARG B 35 6.77 -5.84 -17.49
N GLN B 36 7.08 -7.10 -17.20
CA GLN B 36 7.78 -7.95 -18.16
C GLN B 36 7.08 -7.92 -19.52
N GLN B 37 5.74 -7.79 -19.49
CA GLN B 37 4.96 -7.74 -20.71
C GLN B 37 3.61 -7.07 -20.47
N LYS B 38 3.49 -5.83 -20.95
CA LYS B 38 2.25 -5.07 -20.78
C LYS B 38 1.73 -4.58 -22.13
N ILE B 39 0.41 -4.53 -22.26
CA ILE B 39 -0.22 -4.08 -23.50
C ILE B 39 -0.05 -2.58 -23.68
N ARG B 40 0.38 -2.19 -24.88
CA ARG B 40 0.58 -0.78 -25.19
C ARG B 40 -0.74 -0.07 -25.40
N LYS B 41 -1.74 -0.82 -25.87
CA LYS B 41 -3.07 -0.26 -26.11
C LYS B 41 -3.82 -0.07 -24.80
N TYR B 42 -3.26 -0.56 -23.71
CA TYR B 42 -3.88 -0.45 -22.40
C TYR B 42 -3.39 0.80 -21.68
N THR B 43 -2.77 1.70 -22.42
CA THR B 43 -2.25 2.93 -21.85
C THR B 43 -3.35 3.73 -21.15
N MET B 44 -4.36 4.12 -21.92
CA MET B 44 -5.48 4.87 -21.37
C MET B 44 -6.20 4.07 -20.28
N ARG B 45 -6.30 2.77 -20.49
CA ARG B 45 -6.97 1.89 -19.53
C ARG B 45 -6.36 2.06 -18.13
N ARG B 46 -5.05 2.27 -18.09
CA ARG B 46 -4.35 2.44 -16.82
C ARG B 46 -4.63 3.81 -16.22
N LEU B 47 -4.96 4.77 -17.08
CA LEU B 47 -5.25 6.12 -16.64
C LEU B 47 -6.63 6.20 -16.00
N LEU B 48 -7.51 5.29 -16.39
CA LEU B 48 -8.87 5.25 -15.86
C LEU B 48 -8.86 5.00 -14.35
N GLN B 49 -7.79 4.35 -13.88
CA GLN B 49 -7.66 4.06 -12.46
C GLN B 49 -7.07 5.25 -11.70
N GLU B 50 -6.43 6.15 -12.44
CA GLU B 50 -5.82 7.34 -11.84
C GLU B 50 -6.90 8.37 -11.47
N THR B 51 -8.05 8.28 -12.13
CA THR B 51 -9.15 9.20 -11.88
C THR B 51 -9.46 9.28 -10.39
N GLU B 52 -9.22 8.19 -9.68
CA GLU B 52 -9.48 8.14 -8.24
C GLU B 52 -8.77 9.28 -7.52
N LEU B 53 -7.66 9.73 -8.09
CA LEU B 53 -6.89 10.82 -7.51
C LEU B 53 -7.60 12.15 -7.68
N VAL B 54 -8.36 12.28 -8.75
CA VAL B 54 -9.10 13.50 -9.03
C VAL B 54 -10.61 13.26 -8.95
N GLU B 55 -11.00 12.25 -8.19
CA GLU B 55 -12.41 11.91 -8.03
C GLU B 55 -12.78 11.86 -6.55
N PRO B 56 -12.78 13.03 -5.90
CA PRO B 56 -13.12 13.15 -4.48
C PRO B 56 -14.60 12.90 -4.21
N LEU B 57 -14.96 12.80 -2.94
CA LEU B 57 -16.34 12.56 -2.55
C LEU B 57 -16.77 13.50 -1.42
N GLY B 58 -17.77 14.32 -1.70
CA GLY B 58 -18.25 15.26 -0.71
C GLY B 58 -19.46 14.73 0.05
N ALA A 1 -15.94 -15.20 32.94
CA ALA A 1 -17.22 -14.87 32.31
C ALA A 1 -17.29 -15.38 30.88
N GLU A 2 -16.38 -14.91 30.03
CA GLU A 2 -16.35 -15.32 28.63
C GLU A 2 -14.92 -15.24 28.08
N GLN A 3 -14.69 -15.89 26.95
CA GLN A 3 -13.38 -15.89 26.32
C GLN A 3 -13.20 -14.65 25.45
N ARG A 4 -12.08 -14.59 24.75
CA ARG A 4 -11.77 -13.47 23.87
C ARG A 4 -11.82 -12.15 24.65
N ALA A 5 -11.00 -12.06 25.70
CA ALA A 5 -10.95 -10.87 26.53
C ALA A 5 -9.50 -10.46 26.81
N SER A 6 -8.62 -10.73 25.86
CA SER A 6 -7.20 -10.40 26.02
C SER A 6 -6.90 -9.04 25.41
N PRO A 7 -6.52 -8.08 26.27
CA PRO A 7 -6.19 -6.71 25.85
C PRO A 7 -4.89 -6.65 25.05
N LEU A 8 -3.87 -7.35 25.54
CA LEU A 8 -2.57 -7.38 24.88
C LEU A 8 -2.70 -7.90 23.45
N THR A 9 -3.27 -9.09 23.31
CA THR A 9 -3.46 -9.72 22.00
C THR A 9 -4.23 -8.78 21.07
N SER A 10 -5.09 -7.95 21.64
CA SER A 10 -5.89 -7.02 20.86
C SER A 10 -5.04 -5.86 20.34
N ILE A 11 -4.04 -5.49 21.13
CA ILE A 11 -3.15 -4.39 20.76
C ILE A 11 -2.09 -4.86 19.76
N ILE A 12 -1.59 -6.07 19.95
CA ILE A 12 -0.59 -6.64 19.06
C ILE A 12 -1.11 -6.76 17.64
N SER A 13 -2.35 -7.25 17.50
CA SER A 13 -2.97 -7.41 16.20
C SER A 13 -3.29 -6.05 15.58
N ALA A 14 -3.61 -5.09 16.42
CA ALA A 14 -3.94 -3.74 15.96
C ALA A 14 -2.69 -3.00 15.49
N VAL A 15 -1.61 -3.13 16.25
CA VAL A 15 -0.35 -2.48 15.91
C VAL A 15 0.19 -2.97 14.57
N VAL A 16 0.48 -4.27 14.51
CA VAL A 16 1.00 -4.87 13.28
C VAL A 16 0.17 -4.45 12.07
N GLY A 17 -1.15 -4.52 12.20
CA GLY A 17 -2.02 -4.14 11.11
C GLY A 17 -1.67 -2.78 10.53
N ILE A 18 -1.69 -1.76 11.37
CA ILE A 18 -1.37 -0.40 10.93
C ILE A 18 0.06 -0.31 10.41
N LEU A 19 0.96 -1.08 11.03
CA LEU A 19 2.36 -1.09 10.63
C LEU A 19 2.51 -1.52 9.17
N LEU A 20 1.94 -2.68 8.84
CA LEU A 20 2.01 -3.21 7.48
C LEU A 20 1.48 -2.18 6.48
N VAL A 21 0.43 -1.46 6.86
CA VAL A 21 -0.16 -0.45 6.00
C VAL A 21 0.78 0.75 5.84
N VAL A 22 1.45 1.12 6.92
CA VAL A 22 2.37 2.25 6.89
C VAL A 22 3.60 1.92 6.04
N VAL A 23 4.27 0.83 6.38
CA VAL A 23 5.47 0.41 5.65
C VAL A 23 5.22 0.46 4.14
N LEU A 24 4.07 -0.04 3.71
CA LEU A 24 3.73 -0.05 2.30
C LEU A 24 3.73 1.35 1.72
N GLY A 25 2.91 2.22 2.28
CA GLY A 25 2.83 3.59 1.82
C GLY A 25 4.19 4.20 1.57
N VAL A 26 5.16 3.84 2.40
CA VAL A 26 6.52 4.35 2.27
C VAL A 26 7.24 3.68 1.09
N VAL A 27 7.07 2.38 0.97
CA VAL A 27 7.69 1.62 -0.10
C VAL A 27 7.21 2.09 -1.47
N PHE A 28 5.92 2.39 -1.55
CA PHE A 28 5.32 2.86 -2.80
C PHE A 28 5.86 4.24 -3.18
N GLY A 29 5.73 5.19 -2.27
CA GLY A 29 6.20 6.54 -2.53
C GLY A 29 7.70 6.59 -2.72
N ILE A 30 8.44 5.99 -1.80
CA ILE A 30 9.90 5.98 -1.87
C ILE A 30 10.37 5.53 -3.25
N LEU A 31 10.07 4.29 -3.61
CA LEU A 31 10.46 3.74 -4.90
C LEU A 31 10.12 4.72 -6.03
N ILE A 32 8.83 5.00 -6.19
CA ILE A 32 8.38 5.92 -7.23
C ILE A 32 9.21 7.19 -7.23
N LYS A 33 9.61 7.64 -6.05
CA LYS A 33 10.41 8.85 -5.91
C LYS A 33 11.79 8.65 -6.52
N ARG A 34 12.34 7.46 -6.35
CA ARG A 34 13.66 7.14 -6.88
C ARG A 34 13.59 6.79 -8.36
N ARG A 35 12.37 6.58 -8.85
CA ARG A 35 12.16 6.23 -10.26
C ARG A 35 11.72 7.45 -11.06
N GLN A 36 11.26 8.48 -10.35
CA GLN A 36 10.81 9.71 -11.00
C GLN A 36 12.00 10.52 -11.52
N GLN A 37 12.09 10.64 -12.84
CA GLN A 37 13.17 11.39 -13.47
C GLN A 37 12.63 12.60 -14.23
N LYS A 38 13.54 13.39 -14.79
CA LYS A 38 13.16 14.57 -15.55
C LYS A 38 12.61 14.19 -16.92
N ILE A 39 12.92 12.98 -17.37
CA ILE A 39 12.45 12.50 -18.65
C ILE A 39 10.93 12.56 -18.74
N ARG A 40 10.27 12.50 -17.60
CA ARG A 40 8.82 12.55 -17.54
C ARG A 40 8.33 13.96 -17.26
N LYS A 41 9.17 14.95 -17.55
CA LYS A 41 8.82 16.35 -17.33
C LYS A 41 7.63 16.75 -18.19
N TYR A 42 7.58 16.22 -19.41
CA TYR A 42 6.49 16.53 -20.33
C TYR A 42 5.39 15.47 -20.25
N THR A 43 5.46 14.64 -19.22
CA THR A 43 4.48 13.58 -19.03
C THR A 43 3.26 14.08 -18.26
N MET A 44 3.49 14.53 -17.04
CA MET A 44 2.41 15.05 -16.20
C MET A 44 1.71 16.22 -16.87
N ARG A 45 2.48 16.99 -17.64
CA ARG A 45 1.93 18.15 -18.34
C ARG A 45 0.69 17.78 -19.14
N ARG A 46 0.74 16.60 -19.77
CA ARG A 46 -0.38 16.12 -20.57
C ARG A 46 -1.46 15.50 -19.69
N LEU A 47 -1.04 14.94 -18.56
CA LEU A 47 -1.96 14.31 -17.63
C LEU A 47 -2.84 15.35 -16.94
N LEU A 48 -2.24 16.47 -16.56
CA LEU A 48 -2.96 17.54 -15.89
C LEU A 48 -4.08 18.08 -16.77
N GLN A 49 -3.94 17.87 -18.08
CA GLN A 49 -4.94 18.33 -19.03
C GLN A 49 -6.10 17.34 -19.13
N GLU A 50 -5.87 16.12 -18.63
CA GLU A 50 -6.90 15.08 -18.65
C GLU A 50 -8.00 15.37 -17.63
N THR A 51 -7.65 16.14 -16.60
CA THR A 51 -8.60 16.49 -15.56
C THR A 51 -9.89 17.05 -16.15
N GLU A 52 -9.76 17.71 -17.30
CA GLU A 52 -10.92 18.29 -17.97
C GLU A 52 -12.02 17.25 -18.18
N LEU A 53 -11.61 16.01 -18.41
CA LEU A 53 -12.56 14.92 -18.61
C LEU A 53 -13.38 14.66 -17.35
N VAL A 54 -12.78 14.93 -16.19
CA VAL A 54 -13.46 14.72 -14.92
C VAL A 54 -13.70 16.05 -14.21
N GLU A 55 -13.67 17.14 -14.97
CA GLU A 55 -13.88 18.47 -14.41
C GLU A 55 -15.22 18.55 -13.68
N PRO A 56 -15.35 19.54 -12.80
CA PRO A 56 -16.58 19.75 -12.01
C PRO A 56 -17.75 20.22 -12.88
N LEU A 57 -18.89 19.55 -12.72
CA LEU A 57 -20.08 19.91 -13.49
C LEU A 57 -20.70 21.20 -12.97
N GLY A 58 -21.54 21.83 -13.79
CA GLY A 58 -22.18 23.07 -13.40
C GLY A 58 -23.65 22.88 -13.10
N ALA B 1 14.08 -16.27 37.43
CA ALA B 1 14.84 -15.15 37.97
C ALA B 1 14.09 -13.83 37.75
N GLU B 2 13.48 -13.68 36.57
CA GLU B 2 12.74 -12.48 36.24
C GLU B 2 11.62 -12.79 35.26
N GLN B 3 10.91 -11.75 34.82
CA GLN B 3 9.81 -11.90 33.88
C GLN B 3 10.34 -12.10 32.46
N ARG B 4 11.57 -11.69 32.22
CA ARG B 4 12.20 -11.81 30.91
C ARG B 4 12.11 -13.25 30.41
N ALA B 5 12.54 -13.47 29.17
CA ALA B 5 12.53 -14.79 28.58
C ALA B 5 11.13 -15.16 28.10
N SER B 6 10.42 -14.19 27.52
CA SER B 6 9.07 -14.41 27.03
C SER B 6 9.09 -15.09 25.66
N PRO B 7 8.60 -16.33 25.62
CA PRO B 7 8.55 -17.11 24.38
C PRO B 7 7.53 -16.57 23.38
N LEU B 8 6.35 -16.23 23.88
CA LEU B 8 5.28 -15.70 23.04
C LEU B 8 5.74 -14.40 22.36
N THR B 9 6.17 -13.44 23.16
CA THR B 9 6.63 -12.16 22.65
C THR B 9 7.71 -12.34 21.59
N SER B 10 8.49 -13.41 21.74
CA SER B 10 9.56 -13.70 20.79
C SER B 10 9.01 -14.21 19.47
N ILE B 11 7.89 -14.94 19.55
CA ILE B 11 7.25 -15.49 18.35
C ILE B 11 6.44 -14.42 17.62
N ILE B 12 5.78 -13.56 18.39
CA ILE B 12 4.97 -12.50 17.82
C ILE B 12 5.82 -11.55 16.97
N SER B 13 7.00 -11.21 17.49
CA SER B 13 7.90 -10.31 16.78
C SER B 13 8.51 -11.00 15.56
N ALA B 14 8.73 -12.30 15.67
CA ALA B 14 9.30 -13.08 14.57
C ALA B 14 8.28 -13.27 13.45
N VAL B 15 7.04 -13.55 13.83
CA VAL B 15 5.97 -13.76 12.86
C VAL B 15 5.73 -12.51 12.03
N VAL B 16 5.34 -11.43 12.69
CA VAL B 16 5.08 -10.17 12.00
C VAL B 16 6.21 -9.82 11.05
N GLY B 17 7.45 -9.95 11.53
CA GLY B 17 8.60 -9.65 10.70
C GLY B 17 8.54 -10.33 9.35
N ILE B 18 8.44 -11.65 9.34
CA ILE B 18 8.37 -12.41 8.11
C ILE B 18 7.14 -12.05 7.30
N LEU B 19 6.05 -11.74 8.01
CA LEU B 19 4.79 -11.36 7.35
C LEU B 19 4.98 -10.12 6.49
N LEU B 20 5.48 -9.05 7.11
CA LEU B 20 5.71 -7.80 6.40
C LEU B 20 6.56 -8.02 5.15
N VAL B 21 7.54 -8.92 5.26
CA VAL B 21 8.42 -9.22 4.15
C VAL B 21 7.68 -9.96 3.04
N VAL B 22 6.78 -10.86 3.44
CA VAL B 22 6.00 -11.64 2.49
C VAL B 22 5.02 -10.75 1.74
N VAL B 23 4.18 -10.04 2.49
CA VAL B 23 3.19 -9.15 1.90
C VAL B 23 3.80 -8.27 0.81
N LEU B 24 4.98 -7.73 1.11
CA LEU B 24 5.68 -6.87 0.15
C LEU B 24 5.95 -7.62 -1.15
N GLY B 25 6.67 -8.73 -1.05
CA GLY B 25 6.99 -9.52 -2.23
C GLY B 25 5.79 -9.70 -3.14
N VAL B 26 4.61 -9.87 -2.56
CA VAL B 26 3.39 -10.04 -3.32
C VAL B 26 2.95 -8.73 -3.97
N VAL B 27 3.04 -7.65 -3.22
CA VAL B 27 2.65 -6.34 -3.71
C VAL B 27 3.52 -5.91 -4.88
N PHE B 28 4.82 -6.22 -4.79
CA PHE B 28 5.76 -5.87 -5.85
C PHE B 28 5.45 -6.64 -7.13
N GLY B 29 5.43 -7.96 -7.02
CA GLY B 29 5.15 -8.79 -8.18
C GLY B 29 3.76 -8.57 -8.73
N ILE B 30 2.77 -8.55 -7.86
CA ILE B 30 1.38 -8.34 -8.27
C ILE B 30 1.26 -7.11 -9.17
N LEU B 31 1.58 -5.94 -8.62
CA LEU B 31 1.50 -4.70 -9.37
C LEU B 31 2.20 -4.84 -10.72
N ILE B 32 3.50 -5.12 -10.68
CA ILE B 32 4.28 -5.28 -11.90
C ILE B 32 3.57 -6.18 -12.89
N LYS B 33 2.90 -7.21 -12.37
CA LYS B 33 2.17 -8.15 -13.22
C LYS B 33 1.01 -7.46 -13.92
N ARG B 34 0.39 -6.51 -13.23
CA ARG B 34 -0.75 -5.78 -13.79
C ARG B 34 -0.27 -4.62 -14.63
N ARG B 35 1.03 -4.37 -14.62
CA ARG B 35 1.62 -3.28 -15.40
C ARG B 35 2.38 -3.81 -16.60
N GLN B 36 2.56 -5.13 -16.64
CA GLN B 36 3.29 -5.77 -17.73
C GLN B 36 2.40 -5.91 -18.96
N GLN B 37 1.32 -6.67 -18.83
CA GLN B 37 0.39 -6.88 -19.92
C GLN B 37 -0.06 -5.54 -20.53
N LYS B 38 -0.45 -4.62 -19.67
CA LYS B 38 -0.89 -3.30 -20.11
C LYS B 38 -1.06 -2.35 -18.92
N ILE B 39 -0.83 -1.07 -19.16
CA ILE B 39 -0.95 -0.06 -18.11
C ILE B 39 -2.41 0.25 -17.83
N ARG B 40 -2.95 -0.35 -16.77
CA ARG B 40 -4.34 -0.13 -16.39
C ARG B 40 -4.60 1.34 -16.13
N LYS B 41 -5.82 1.66 -15.66
CA LYS B 41 -6.20 3.04 -15.38
C LYS B 41 -5.80 3.42 -13.96
N TYR B 42 -4.61 2.99 -13.54
CA TYR B 42 -4.11 3.29 -12.21
C TYR B 42 -2.95 4.29 -12.27
N THR B 43 -2.72 4.85 -13.45
CA THR B 43 -1.65 5.81 -13.65
C THR B 43 -2.08 7.21 -13.20
N MET B 44 -3.14 7.72 -13.82
CA MET B 44 -3.64 9.05 -13.47
C MET B 44 -3.99 9.13 -11.99
N ARG B 45 -4.44 8.01 -11.43
CA ARG B 45 -4.81 7.95 -10.03
C ARG B 45 -3.68 8.48 -9.14
N ARG B 46 -2.45 8.16 -9.51
CA ARG B 46 -1.29 8.61 -8.75
C ARG B 46 -0.90 10.02 -9.14
N LEU B 47 -1.17 10.39 -10.39
CA LEU B 47 -0.84 11.73 -10.88
C LEU B 47 -1.72 12.78 -10.21
N LEU B 48 -3.00 12.47 -10.05
CA LEU B 48 -3.95 13.39 -9.43
C LEU B 48 -3.52 13.71 -8.00
N GLN B 49 -2.73 12.82 -7.40
CA GLN B 49 -2.26 13.01 -6.04
C GLN B 49 -1.04 13.93 -6.01
N GLU B 50 -0.42 14.13 -7.17
CA GLU B 50 0.75 14.98 -7.27
C GLU B 50 0.36 16.45 -7.16
N THR B 51 -0.89 16.76 -7.48
CA THR B 51 -1.38 18.13 -7.41
C THR B 51 -1.09 18.76 -6.05
N GLU B 52 -1.04 17.91 -5.02
CA GLU B 52 -0.77 18.37 -3.67
C GLU B 52 0.50 19.20 -3.62
N LEU B 53 1.47 18.84 -4.45
CA LEU B 53 2.74 19.55 -4.51
C LEU B 53 2.54 20.98 -5.00
N VAL B 54 1.55 21.18 -5.85
CA VAL B 54 1.25 22.50 -6.39
C VAL B 54 -0.10 23.01 -5.89
N GLU B 55 -0.55 22.46 -4.77
CA GLU B 55 -1.83 22.86 -4.18
C GLU B 55 -1.67 24.09 -3.31
N PRO B 56 -2.79 24.77 -3.02
CA PRO B 56 -2.81 25.98 -2.19
C PRO B 56 -2.50 25.66 -0.73
N LEU B 57 -1.97 26.66 -0.02
CA LEU B 57 -1.64 26.50 1.39
C LEU B 57 -2.90 26.43 2.24
N GLY B 58 -2.79 25.80 3.42
CA GLY B 58 -3.92 25.68 4.32
C GLY B 58 -3.98 24.33 4.99
N ALA A 1 -16.05 -16.91 31.54
CA ALA A 1 -17.34 -16.43 31.06
C ALA A 1 -17.52 -16.75 29.57
N GLU A 2 -16.64 -16.19 28.74
CA GLU A 2 -16.72 -16.41 27.31
C GLU A 2 -15.32 -16.34 26.68
N GLN A 3 -15.21 -16.84 25.45
CA GLN A 3 -13.93 -16.83 24.74
C GLN A 3 -13.73 -15.52 23.99
N ARG A 4 -12.68 -15.46 23.19
CA ARG A 4 -12.38 -14.26 22.41
C ARG A 4 -12.34 -13.03 23.31
N ALA A 5 -11.55 -13.11 24.37
CA ALA A 5 -11.42 -12.00 25.32
C ALA A 5 -9.96 -11.73 25.65
N SER A 6 -9.09 -11.98 24.69
CA SER A 6 -7.66 -11.77 24.88
C SER A 6 -7.25 -10.36 24.47
N PRO A 7 -6.82 -9.56 25.47
CA PRO A 7 -6.41 -8.18 25.24
C PRO A 7 -5.09 -8.08 24.48
N LEU A 8 -4.12 -8.90 24.86
CA LEU A 8 -2.82 -8.92 24.20
C LEU A 8 -2.95 -9.29 22.73
N THR A 9 -3.58 -10.45 22.47
CA THR A 9 -3.78 -10.91 21.11
C THR A 9 -4.44 -9.84 20.25
N SER A 10 -5.29 -9.03 20.87
CA SER A 10 -6.00 -7.98 20.15
C SER A 10 -5.04 -6.85 19.78
N ILE A 11 -4.06 -6.61 20.65
CA ILE A 11 -3.07 -5.56 20.41
C ILE A 11 -2.06 -5.98 19.35
N ILE A 12 -1.68 -7.25 19.36
CA ILE A 12 -0.74 -7.78 18.40
C ILE A 12 -1.26 -7.63 16.97
N SER A 13 -2.42 -8.21 16.71
CA SER A 13 -3.02 -8.15 15.38
C SER A 13 -3.24 -6.70 14.95
N ALA A 14 -3.49 -5.83 15.93
CA ALA A 14 -3.71 -4.42 15.66
C ALA A 14 -2.41 -3.72 15.29
N VAL A 15 -1.34 -4.05 16.02
CA VAL A 15 -0.04 -3.44 15.77
C VAL A 15 0.48 -3.81 14.38
N VAL A 16 0.60 -5.11 14.13
CA VAL A 16 1.08 -5.59 12.84
C VAL A 16 0.34 -4.93 11.69
N GLY A 17 -0.99 -4.93 11.76
CA GLY A 17 -1.79 -4.33 10.72
C GLY A 17 -1.33 -2.93 10.36
N ILE A 18 -1.29 -2.05 11.36
CA ILE A 18 -0.85 -0.68 11.15
C ILE A 18 0.58 -0.63 10.62
N LEU A 19 1.46 -1.39 11.26
CA LEU A 19 2.87 -1.44 10.85
C LEU A 19 2.99 -1.69 9.34
N LEU A 20 2.32 -2.73 8.87
CA LEU A 20 2.35 -3.09 7.46
C LEU A 20 1.93 -1.90 6.59
N VAL A 21 0.90 -1.19 7.03
CA VAL A 21 0.40 -0.03 6.30
C VAL A 21 1.43 1.11 6.30
N VAL A 22 2.28 1.12 7.32
CA VAL A 22 3.32 2.14 7.45
C VAL A 22 4.46 1.89 6.47
N VAL A 23 5.06 0.70 6.56
CA VAL A 23 6.16 0.34 5.68
C VAL A 23 5.82 0.63 4.22
N LEU A 24 4.61 0.27 3.82
CA LEU A 24 4.16 0.50 2.45
C LEU A 24 4.11 1.99 2.14
N GLY A 25 3.42 2.75 2.98
CA GLY A 25 3.31 4.18 2.78
C GLY A 25 4.63 4.82 2.42
N VAL A 26 5.71 4.34 3.03
CA VAL A 26 7.04 4.87 2.77
C VAL A 26 7.57 4.42 1.41
N VAL A 27 7.30 3.16 1.07
CA VAL A 27 7.73 2.61 -0.21
C VAL A 27 6.98 3.25 -1.37
N PHE A 28 5.68 3.45 -1.19
CA PHE A 28 4.85 4.05 -2.23
C PHE A 28 5.29 5.49 -2.51
N GLY A 29 5.49 6.26 -1.45
CA GLY A 29 5.91 7.64 -1.61
C GLY A 29 7.27 7.75 -2.26
N ILE A 30 8.18 6.84 -1.92
CA ILE A 30 9.53 6.85 -2.49
C ILE A 30 9.48 6.70 -4.00
N LEU A 31 8.74 5.70 -4.47
CA LEU A 31 8.62 5.44 -5.90
C LEU A 31 8.09 6.67 -6.63
N ILE A 32 6.96 7.19 -6.17
CA ILE A 32 6.35 8.37 -6.77
C ILE A 32 7.37 9.49 -6.91
N LYS A 33 8.23 9.64 -5.91
CA LYS A 33 9.25 10.68 -5.93
C LYS A 33 10.24 10.46 -7.06
N ARG A 34 10.59 9.20 -7.30
CA ARG A 34 11.53 8.86 -8.36
C ARG A 34 10.85 8.90 -9.72
N ARG A 35 9.52 8.91 -9.71
CA ARG A 35 8.74 8.95 -10.94
C ARG A 35 8.46 10.39 -11.36
N GLN A 36 8.21 11.25 -10.38
CA GLN A 36 7.92 12.65 -10.64
C GLN A 36 9.04 13.30 -11.45
N GLN A 37 10.25 12.77 -11.30
CA GLN A 37 11.40 13.30 -12.01
C GLN A 37 11.92 12.29 -13.04
N LYS A 38 11.05 11.38 -13.46
CA LYS A 38 11.40 10.37 -14.43
C LYS A 38 11.63 10.99 -15.81
N ILE A 39 12.48 10.36 -16.61
CA ILE A 39 12.78 10.85 -17.95
C ILE A 39 11.51 11.02 -18.78
N ARG A 40 10.53 10.14 -18.52
CA ARG A 40 9.26 10.19 -19.24
C ARG A 40 8.22 10.99 -18.45
N LYS A 41 8.69 11.84 -17.56
CA LYS A 41 7.80 12.66 -16.73
C LYS A 41 6.82 13.43 -17.61
N TYR A 42 7.28 13.87 -18.76
CA TYR A 42 6.44 14.62 -19.69
C TYR A 42 5.14 13.87 -19.98
N THR A 43 5.24 12.54 -20.05
CA THR A 43 4.08 11.70 -20.32
C THR A 43 2.94 12.01 -19.36
N MET A 44 3.24 11.97 -18.06
CA MET A 44 2.23 12.25 -17.05
C MET A 44 1.66 13.66 -17.21
N ARG A 45 2.53 14.63 -17.41
CA ARG A 45 2.11 16.01 -17.59
C ARG A 45 1.05 16.12 -18.68
N ARG A 46 1.22 15.34 -19.74
CA ARG A 46 0.27 15.36 -20.85
C ARG A 46 -0.94 14.48 -20.55
N LEU A 47 -0.75 13.52 -19.65
CA LEU A 47 -1.82 12.61 -19.26
C LEU A 47 -2.91 13.34 -18.47
N LEU A 48 -2.52 14.45 -17.84
CA LEU A 48 -3.45 15.23 -17.05
C LEU A 48 -4.62 15.71 -17.91
N GLN A 49 -4.40 15.77 -19.21
CA GLN A 49 -5.44 16.21 -20.14
C GLN A 49 -6.41 15.08 -20.44
N GLU A 50 -6.00 13.85 -20.14
CA GLU A 50 -6.84 12.68 -20.38
C GLU A 50 -8.08 12.71 -19.49
N THR A 51 -7.93 13.27 -18.30
CA THR A 51 -9.02 13.36 -17.34
C THR A 51 -10.26 13.96 -17.99
N GLU A 52 -10.05 14.84 -18.97
CA GLU A 52 -11.14 15.49 -19.68
C GLU A 52 -12.11 14.46 -20.25
N LEU A 53 -11.61 13.26 -20.52
CA LEU A 53 -12.43 12.19 -21.06
C LEU A 53 -13.36 11.63 -20.00
N VAL A 54 -12.93 11.69 -18.75
CA VAL A 54 -13.74 11.19 -17.65
C VAL A 54 -14.16 12.32 -16.72
N GLU A 55 -14.15 13.55 -17.25
CA GLU A 55 -14.53 14.72 -16.47
C GLU A 55 -15.94 14.56 -15.90
N PRO A 56 -16.25 15.35 -14.86
CA PRO A 56 -17.56 15.32 -14.20
C PRO A 56 -18.66 15.88 -15.08
N LEU A 57 -19.85 15.29 -14.98
CA LEU A 57 -20.99 15.74 -15.78
C LEU A 57 -22.27 15.69 -14.95
N GLY A 58 -23.37 16.15 -15.55
CA GLY A 58 -24.65 16.14 -14.86
C GLY A 58 -24.91 17.43 -14.13
N ALA B 1 14.50 -13.83 37.56
CA ALA B 1 15.74 -13.08 37.68
C ALA B 1 15.70 -11.82 36.83
N GLU B 2 15.04 -11.89 35.69
CA GLU B 2 14.92 -10.74 34.80
C GLU B 2 13.61 -10.77 34.02
N GLN B 3 13.26 -9.65 33.42
CA GLN B 3 12.02 -9.55 32.64
C GLN B 3 12.31 -9.57 31.15
N ARG B 4 13.58 -9.76 30.80
CA ARG B 4 13.99 -9.79 29.40
C ARG B 4 13.99 -11.23 28.87
N ALA B 5 12.91 -11.94 29.13
CA ALA B 5 12.78 -13.32 28.67
C ALA B 5 11.34 -13.65 28.28
N SER B 6 10.68 -12.68 27.65
CA SER B 6 9.28 -12.86 27.23
C SER B 6 9.22 -13.67 25.93
N PRO B 7 8.63 -14.87 26.01
CA PRO B 7 8.49 -15.75 24.85
C PRO B 7 7.47 -15.23 23.84
N LEU B 8 6.33 -14.75 24.34
CA LEU B 8 5.28 -14.22 23.48
C LEU B 8 5.79 -13.00 22.71
N THR B 9 6.30 -12.02 23.43
CA THR B 9 6.81 -10.80 22.82
C THR B 9 7.82 -11.12 21.72
N SER B 10 8.58 -12.19 21.92
CA SER B 10 9.59 -12.61 20.95
C SER B 10 8.93 -13.16 19.69
N ILE B 11 7.79 -13.82 19.86
CA ILE B 11 7.06 -14.40 18.75
C ILE B 11 6.33 -13.33 17.95
N ILE B 12 5.80 -12.34 18.65
CA ILE B 12 5.08 -11.25 18.01
C ILE B 12 5.98 -10.49 17.04
N SER B 13 7.10 -9.98 17.55
CA SER B 13 8.04 -9.24 16.71
C SER B 13 8.54 -10.09 15.56
N ALA B 14 8.66 -11.39 15.80
CA ALA B 14 9.11 -12.32 14.77
C ALA B 14 8.05 -12.52 13.70
N VAL B 15 6.81 -12.67 14.12
CA VAL B 15 5.70 -12.86 13.21
C VAL B 15 5.52 -11.66 12.28
N VAL B 16 5.34 -10.48 12.88
CA VAL B 16 5.16 -9.26 12.11
C VAL B 16 6.24 -9.12 11.04
N GLY B 17 7.49 -9.26 11.45
CA GLY B 17 8.60 -9.15 10.51
C GLY B 17 8.38 -9.99 9.27
N ILE B 18 8.18 -11.28 9.45
CA ILE B 18 7.97 -12.19 8.34
C ILE B 18 6.73 -11.80 7.55
N LEU B 19 5.63 -11.53 8.26
CA LEU B 19 4.38 -11.14 7.62
C LEU B 19 4.61 -10.01 6.63
N LEU B 20 5.26 -8.95 7.08
CA LEU B 20 5.53 -7.79 6.24
C LEU B 20 6.26 -8.22 4.96
N VAL B 21 7.23 -9.12 5.11
CA VAL B 21 7.99 -9.61 3.96
C VAL B 21 7.11 -10.42 3.02
N VAL B 22 6.05 -11.01 3.57
CA VAL B 22 5.12 -11.81 2.78
C VAL B 22 4.21 -10.93 1.94
N VAL B 23 3.50 -10.03 2.61
CA VAL B 23 2.58 -9.11 1.92
C VAL B 23 3.26 -8.46 0.72
N LEU B 24 4.50 -8.04 0.91
CA LEU B 24 5.25 -7.39 -0.16
C LEU B 24 5.50 -8.36 -1.31
N GLY B 25 6.04 -9.53 -0.98
CA GLY B 25 6.32 -10.53 -1.99
C GLY B 25 5.17 -10.71 -2.96
N VAL B 26 3.94 -10.64 -2.44
CA VAL B 26 2.75 -10.80 -3.26
C VAL B 26 2.51 -9.56 -4.13
N VAL B 27 2.74 -8.40 -3.55
CA VAL B 27 2.55 -7.14 -4.27
C VAL B 27 3.59 -6.98 -5.37
N PHE B 28 4.83 -7.34 -5.08
CA PHE B 28 5.91 -7.24 -6.05
C PHE B 28 5.66 -8.15 -7.25
N GLY B 29 5.30 -9.40 -6.96
CA GLY B 29 5.03 -10.36 -8.02
C GLY B 29 3.87 -9.93 -8.90
N ILE B 30 2.83 -9.39 -8.28
CA ILE B 30 1.65 -8.94 -9.02
C ILE B 30 2.01 -7.88 -10.05
N LEU B 31 2.76 -6.87 -9.62
CA LEU B 31 3.16 -5.79 -10.52
C LEU B 31 3.94 -6.34 -11.71
N ILE B 32 4.99 -7.12 -11.43
CA ILE B 32 5.81 -7.70 -12.49
C ILE B 32 4.94 -8.41 -13.52
N LYS B 33 3.90 -9.08 -13.04
CA LYS B 33 2.98 -9.81 -13.93
C LYS B 33 2.25 -8.85 -14.85
N ARG B 34 1.85 -7.71 -14.31
CA ARG B 34 1.13 -6.70 -15.09
C ARG B 34 2.10 -5.90 -15.97
N ARG B 35 3.39 -6.06 -15.71
CA ARG B 35 4.42 -5.36 -16.47
C ARG B 35 4.92 -6.21 -17.63
N GLN B 36 4.98 -7.53 -17.40
CA GLN B 36 5.45 -8.46 -18.42
C GLN B 36 4.59 -8.37 -19.67
N GLN B 37 3.29 -8.19 -19.47
CA GLN B 37 2.36 -8.08 -20.59
C GLN B 37 2.14 -6.63 -21.00
N LYS B 38 1.43 -6.43 -22.10
CA LYS B 38 1.16 -5.08 -22.60
C LYS B 38 0.42 -4.25 -21.55
N ILE B 39 0.33 -2.95 -21.78
CA ILE B 39 -0.35 -2.05 -20.87
C ILE B 39 -1.84 -2.37 -20.79
N ARG B 40 -2.32 -2.62 -19.58
CA ARG B 40 -3.73 -2.94 -19.36
C ARG B 40 -4.52 -1.68 -19.02
N LYS B 41 -3.96 -0.52 -19.35
CA LYS B 41 -4.62 0.75 -19.07
C LYS B 41 -4.81 0.95 -17.58
N TYR B 42 -3.82 0.51 -16.79
CA TYR B 42 -3.89 0.65 -15.34
C TYR B 42 -2.91 1.72 -14.85
N THR B 43 -1.82 1.89 -15.59
CA THR B 43 -0.81 2.88 -15.23
C THR B 43 -1.44 4.26 -15.01
N MET B 44 -2.19 4.72 -16.01
CA MET B 44 -2.84 6.03 -15.92
C MET B 44 -3.79 6.07 -14.71
N ARG B 45 -4.61 5.04 -14.57
CA ARG B 45 -5.56 4.97 -13.47
C ARG B 45 -4.86 5.20 -12.13
N ARG B 46 -3.65 4.65 -12.00
CA ARG B 46 -2.88 4.80 -10.77
C ARG B 46 -2.15 6.14 -10.74
N LEU B 47 -1.92 6.71 -11.92
CA LEU B 47 -1.24 8.00 -12.03
C LEU B 47 -2.11 9.13 -11.49
N LEU B 48 -3.42 8.91 -11.51
CA LEU B 48 -4.36 9.91 -11.03
C LEU B 48 -4.07 10.27 -9.57
N GLN B 49 -3.41 9.36 -8.87
CA GLN B 49 -3.08 9.59 -7.46
C GLN B 49 -1.84 10.47 -7.33
N GLU B 50 -1.07 10.57 -8.42
CA GLU B 50 0.14 11.39 -8.42
C GLU B 50 -0.20 12.86 -8.25
N THR B 51 -1.36 13.26 -8.76
CA THR B 51 -1.79 14.65 -8.66
C THR B 51 -1.71 15.15 -7.22
N GLU B 52 -1.90 14.24 -6.28
CA GLU B 52 -1.85 14.58 -4.86
C GLU B 52 -0.55 15.28 -4.51
N LEU B 53 0.49 14.98 -5.27
CA LEU B 53 1.81 15.58 -5.04
C LEU B 53 1.82 17.05 -5.46
N VAL B 54 1.00 17.37 -6.46
CA VAL B 54 0.92 18.75 -6.96
C VAL B 54 -0.46 19.34 -6.67
N GLU B 55 -1.15 18.78 -5.69
CA GLU B 55 -2.48 19.26 -5.32
C GLU B 55 -2.53 19.66 -3.85
N PRO B 56 -1.81 20.75 -3.51
CA PRO B 56 -1.75 21.26 -2.14
C PRO B 56 -3.07 21.87 -1.69
N LEU B 57 -3.16 22.18 -0.40
CA LEU B 57 -4.38 22.77 0.16
C LEU B 57 -4.68 24.10 -0.50
N GLY B 58 -3.64 24.91 -0.70
CA GLY B 58 -3.82 26.22 -1.33
C GLY B 58 -3.33 26.24 -2.75
#